data_9M7C
#
_entry.id   9M7C
#
_cell.length_a   1.00
_cell.length_b   1.00
_cell.length_c   1.00
_cell.angle_alpha   90.00
_cell.angle_beta   90.00
_cell.angle_gamma   90.00
#
_symmetry.space_group_name_H-M   'P 1'
#
_entity_poly.entity_id   1
_entity_poly.type   'polypeptide(L)'
_entity_poly.pdbx_seq_one_letter_code
;MAEAKKGIDVILLYRVLKNEAKEAAWKMAFQTEHSNGKSRDADSTATKDGPIQNMAAIEYDFSATSIVAVGDKHIDELDD
AFDNSELVEIWEIDKAEKGTDKDVDKYKATYFQGYVSSFSKTPNSEDALELEIEFAINGIGQKGYATLTTDQAEVVSYVF
KDTVKVEEG
;
_entity_poly.pdbx_strand_id   A,B,C,D,E,F
#
# COMPACT_ATOMS: atom_id res chain seq x y z
N GLU A 3 21.06 -29.17 12.67
CA GLU A 3 20.28 -28.24 13.46
C GLU A 3 20.25 -26.85 12.81
N ALA A 4 19.22 -26.08 13.13
CA ALA A 4 19.10 -24.72 12.62
C ALA A 4 19.75 -23.73 13.57
N LYS A 5 20.15 -22.59 13.01
CA LYS A 5 20.80 -21.54 13.78
C LYS A 5 19.77 -20.50 14.20
N LYS A 6 19.67 -20.27 15.50
CA LYS A 6 18.71 -19.29 16.03
C LYS A 6 19.26 -17.88 15.87
N GLY A 7 18.37 -16.90 16.01
CA GLY A 7 18.74 -15.51 15.90
C GLY A 7 19.29 -14.88 17.16
N ILE A 8 19.15 -15.56 18.30
CA ILE A 8 19.64 -15.04 19.57
C ILE A 8 21.16 -15.10 19.68
N ASP A 9 21.81 -15.88 18.82
CA ASP A 9 23.25 -16.10 18.90
C ASP A 9 24.07 -15.02 18.23
N VAL A 10 23.44 -13.97 17.69
CA VAL A 10 24.16 -12.90 17.00
C VAL A 10 23.97 -11.62 17.79
N ILE A 11 25.08 -10.99 18.18
CA ILE A 11 25.07 -9.75 18.95
C ILE A 11 25.99 -8.74 18.30
N LEU A 12 25.92 -7.50 18.77
CA LEU A 12 26.70 -6.39 18.24
C LEU A 12 27.45 -5.70 19.36
N LEU A 13 28.60 -5.11 19.03
CA LEU A 13 29.37 -4.30 19.95
C LEU A 13 29.72 -2.97 19.31
N TYR A 14 29.93 -1.96 20.15
CA TYR A 14 30.26 -0.62 19.69
C TYR A 14 31.41 -0.05 20.51
N ARG A 15 32.13 0.89 19.89
CA ARG A 15 33.09 1.75 20.59
C ARG A 15 33.55 2.82 19.62
N VAL A 16 33.91 3.98 20.17
CA VAL A 16 34.30 5.12 19.35
C VAL A 16 35.78 5.03 19.03
N LEU A 17 36.16 5.51 17.84
CA LEU A 17 37.55 5.39 17.39
C LEU A 17 38.52 6.15 18.29
N LYS A 18 38.17 7.37 18.69
CA LYS A 18 39.09 8.18 19.49
C LYS A 18 39.26 7.68 20.92
N ASN A 19 38.42 6.74 21.37
CA ASN A 19 38.55 6.12 22.68
C ASN A 19 39.17 4.73 22.61
N GLU A 20 40.02 4.47 21.61
CA GLU A 20 40.59 3.14 21.45
C GLU A 20 41.61 2.79 22.52
N ALA A 21 42.20 3.78 23.18
CA ALA A 21 43.24 3.53 24.17
C ALA A 21 42.68 3.46 25.59
N LYS A 22 41.63 4.22 25.89
CA LYS A 22 41.12 4.30 27.25
C LYS A 22 40.02 3.28 27.54
N GLU A 23 39.13 3.03 26.58
CA GLU A 23 37.98 2.16 26.80
C GLU A 23 38.00 0.99 25.82
N ALA A 24 37.62 -0.18 26.33
CA ALA A 24 37.50 -1.37 25.52
C ALA A 24 36.10 -1.42 24.91
N ALA A 25 35.79 -2.51 24.21
CA ALA A 25 34.48 -2.66 23.59
C ALA A 25 33.40 -2.84 24.65
N TRP A 26 32.22 -2.31 24.35
CA TRP A 26 31.08 -2.39 25.27
C TRP A 26 29.86 -2.87 24.52
N LYS A 27 29.05 -3.69 25.18
CA LYS A 27 27.83 -4.25 24.60
C LYS A 27 26.64 -3.40 25.02
N MET A 28 25.82 -3.03 24.03
CA MET A 28 24.65 -2.22 24.33
C MET A 28 23.61 -3.08 25.06
N ALA A 29 22.80 -2.43 25.90
CA ALA A 29 22.06 -3.12 26.95
C ALA A 29 21.04 -4.12 26.45
N PHE A 30 20.05 -3.67 25.69
CA PHE A 30 18.99 -4.56 25.25
C PHE A 30 18.95 -4.64 23.72
N GLN A 31 19.13 -5.83 23.19
CA GLN A 31 19.07 -6.06 21.75
C GLN A 31 17.71 -6.65 21.36
N THR A 32 17.18 -6.17 20.23
CA THR A 32 15.94 -6.71 19.71
C THR A 32 16.18 -7.39 18.36
N GLU A 33 16.75 -6.66 17.41
CA GLU A 33 17.05 -7.20 16.09
C GLU A 33 17.95 -6.20 15.36
N HIS A 34 18.48 -6.64 14.22
CA HIS A 34 19.26 -5.78 13.35
C HIS A 34 19.24 -6.38 11.95
N SER A 35 19.55 -5.54 10.97
CA SER A 35 19.53 -5.95 9.57
C SER A 35 20.87 -5.64 8.93
N ASN A 36 21.55 -6.68 8.45
CA ASN A 36 22.82 -6.55 7.74
C ASN A 36 22.63 -7.03 6.32
N GLY A 37 22.63 -6.10 5.38
CA GLY A 37 22.41 -6.45 3.98
C GLY A 37 23.31 -5.70 3.03
N LYS A 38 23.99 -6.43 2.15
CA LYS A 38 24.86 -5.86 1.15
C LYS A 38 24.34 -6.21 -0.25
N SER A 39 24.54 -5.29 -1.19
CA SER A 39 23.98 -5.45 -2.51
C SER A 39 24.90 -4.78 -3.54
N ARG A 40 24.70 -5.14 -4.80
CA ARG A 40 25.45 -4.60 -5.92
C ARG A 40 24.48 -4.24 -7.04
N ASP A 41 24.92 -3.36 -7.92
CA ASP A 41 24.11 -2.92 -9.05
C ASP A 41 24.67 -3.49 -10.33
N ALA A 42 23.80 -4.12 -11.12
CA ALA A 42 24.19 -4.78 -12.37
C ALA A 42 23.43 -4.13 -13.52
N ASP A 43 24.16 -3.48 -14.41
CA ASP A 43 23.60 -2.89 -15.62
C ASP A 43 24.14 -3.59 -16.86
N SER A 44 23.37 -3.56 -17.94
CA SER A 44 23.75 -4.23 -19.17
C SER A 44 23.88 -3.21 -20.31
N THR A 45 25.00 -3.28 -21.02
CA THR A 45 25.24 -2.44 -22.19
C THR A 45 25.17 -3.30 -23.44
N ALA A 46 24.40 -2.86 -24.42
CA ALA A 46 24.19 -3.64 -25.63
C ALA A 46 25.13 -3.20 -26.74
N THR A 47 25.77 -4.17 -27.38
CA THR A 47 26.61 -3.94 -28.54
C THR A 47 26.30 -4.98 -29.60
N LYS A 48 26.86 -4.78 -30.79
CA LYS A 48 26.53 -5.64 -31.93
C LYS A 48 27.07 -7.06 -31.78
N ASP A 49 27.97 -7.30 -30.83
CA ASP A 49 28.52 -8.63 -30.61
C ASP A 49 27.81 -9.39 -29.49
N GLY A 50 27.06 -8.71 -28.62
CA GLY A 50 26.33 -9.36 -27.58
C GLY A 50 26.31 -8.53 -26.30
N PRO A 51 25.50 -8.95 -25.33
CA PRO A 51 25.43 -8.21 -24.06
C PRO A 51 26.71 -8.31 -23.26
N ILE A 52 27.03 -7.23 -22.55
CA ILE A 52 28.20 -7.17 -21.66
C ILE A 52 27.71 -6.75 -20.29
N GLN A 53 28.28 -7.37 -19.25
CA GLN A 53 27.88 -7.14 -17.88
C GLN A 53 28.96 -6.33 -17.16
N ASN A 54 28.54 -5.24 -16.52
CA ASN A 54 29.44 -4.39 -15.74
C ASN A 54 28.88 -4.28 -14.33
N MET A 55 29.75 -4.47 -13.34
CA MET A 55 29.36 -4.46 -11.94
C MET A 55 29.94 -3.22 -11.26
N ALA A 56 29.17 -2.65 -10.32
CA ALA A 56 29.52 -1.41 -9.66
C ALA A 56 30.00 -1.70 -8.23
N ALA A 57 30.24 -0.64 -7.47
CA ALA A 57 30.75 -0.76 -6.11
C ALA A 57 29.68 -1.32 -5.19
N ILE A 58 30.13 -1.82 -4.04
CA ILE A 58 29.26 -2.45 -3.04
C ILE A 58 28.58 -1.37 -2.22
N GLU A 59 27.27 -1.50 -2.01
CA GLU A 59 26.51 -0.59 -1.17
C GLU A 59 25.95 -1.35 0.02
N TYR A 60 26.14 -0.79 1.20
CA TYR A 60 25.74 -1.43 2.44
C TYR A 60 24.42 -0.87 2.97
N ASP A 61 23.67 -1.73 3.64
CA ASP A 61 22.42 -1.35 4.30
C ASP A 61 22.48 -1.91 5.72
N PHE A 62 22.65 -1.04 6.70
CA PHE A 62 22.81 -1.45 8.08
C PHE A 62 21.76 -0.76 8.95
N SER A 63 21.33 -1.46 10.00
CA SER A 63 20.32 -0.91 10.90
C SER A 63 20.40 -1.63 12.23
N ALA A 64 19.81 -1.01 13.25
CA ALA A 64 19.76 -1.60 14.58
C ALA A 64 18.50 -1.14 15.30
N THR A 65 17.98 -1.99 16.18
CA THR A 65 16.82 -1.68 17.00
C THR A 65 17.08 -2.16 18.42
N SER A 66 16.64 -1.38 19.40
CA SER A 66 16.93 -1.67 20.80
C SER A 66 15.85 -1.05 21.68
N ILE A 67 15.94 -1.34 22.98
CA ILE A 67 15.05 -0.79 23.98
C ILE A 67 15.90 -0.02 24.99
N VAL A 68 15.57 1.25 25.19
CA VAL A 68 16.39 2.11 26.03
C VAL A 68 16.29 1.67 27.48
N ALA A 69 17.43 1.59 28.14
CA ALA A 69 17.52 1.23 29.55
C ALA A 69 17.62 2.50 30.39
N VAL A 70 17.27 2.37 31.67
CA VAL A 70 17.29 3.51 32.59
C VAL A 70 18.63 3.56 33.32
N GLY A 71 19.26 4.73 33.32
CA GLY A 71 20.56 4.88 33.94
C GLY A 71 21.69 4.60 32.98
N ASP A 72 21.40 4.63 31.68
CA ASP A 72 22.36 4.28 30.65
C ASP A 72 23.04 5.55 30.13
N LYS A 73 24.36 5.52 30.08
CA LYS A 73 25.15 6.65 29.60
C LYS A 73 25.62 6.46 28.17
N HIS A 74 25.71 5.21 27.70
CA HIS A 74 26.32 4.92 26.40
C HIS A 74 25.57 5.58 25.24
N ILE A 75 24.25 5.69 25.33
CA ILE A 75 23.47 6.30 24.26
C ILE A 75 23.88 7.76 24.07
N ASP A 76 24.20 8.46 25.17
CA ASP A 76 24.69 9.82 25.05
C ASP A 76 26.00 9.88 24.27
N GLU A 77 26.87 8.86 24.43
CA GLU A 77 28.10 8.82 23.66
C GLU A 77 27.81 8.70 22.17
N LEU A 78 26.86 7.85 21.79
CA LEU A 78 26.49 7.73 20.38
C LEU A 78 25.89 9.02 19.84
N ASP A 79 25.04 9.68 20.63
CA ASP A 79 24.47 10.95 20.19
C ASP A 79 25.54 12.02 20.00
N ASP A 80 26.50 12.11 20.93
CA ASP A 80 27.58 13.07 20.78
C ASP A 80 28.47 12.73 19.59
N ALA A 81 28.72 11.45 19.33
CA ALA A 81 29.48 11.06 18.15
C ALA A 81 28.75 11.40 16.86
N PHE A 82 27.41 11.26 16.84
CA PHE A 82 26.63 11.68 15.69
C PHE A 82 26.65 13.19 15.48
N ASP A 83 26.53 13.97 16.56
CA ASP A 83 26.54 15.42 16.43
C ASP A 83 27.91 16.00 16.07
N ASN A 84 28.97 15.19 16.13
CA ASN A 84 30.31 15.67 15.83
C ASN A 84 31.02 14.91 14.72
N SER A 85 30.34 13.99 14.04
CA SER A 85 30.89 13.24 12.91
C SER A 85 32.15 12.47 13.31
N GLU A 86 32.02 11.57 14.27
CA GLU A 86 33.13 10.71 14.68
C GLU A 86 32.90 9.28 14.20
N LEU A 87 34.01 8.60 13.93
CA LEU A 87 33.94 7.23 13.43
C LEU A 87 33.58 6.27 14.54
N VAL A 88 32.72 5.30 14.23
CA VAL A 88 32.23 4.32 15.19
C VAL A 88 32.60 2.93 14.71
N GLU A 89 33.19 2.13 15.60
CA GLU A 89 33.56 0.76 15.32
C GLU A 89 32.39 -0.17 15.65
N ILE A 90 32.11 -1.12 14.77
CA ILE A 90 31.00 -2.04 14.93
C ILE A 90 31.51 -3.46 14.77
N TRP A 91 31.09 -4.36 15.66
CA TRP A 91 31.42 -5.77 15.60
C TRP A 91 30.13 -6.59 15.52
N GLU A 92 30.18 -7.68 14.77
CA GLU A 92 29.10 -8.65 14.71
C GLU A 92 29.66 -10.03 15.04
N ILE A 93 29.27 -10.57 16.18
CA ILE A 93 29.86 -11.80 16.71
C ILE A 93 28.80 -12.89 16.80
N ASP A 94 29.18 -14.09 16.40
CA ASP A 94 28.33 -15.27 16.49
C ASP A 94 28.72 -16.07 17.73
N LYS A 95 27.71 -16.55 18.46
CA LYS A 95 27.93 -17.33 19.67
C LYS A 95 27.87 -18.84 19.44
N ALA A 96 27.68 -19.28 18.21
CA ALA A 96 27.56 -20.71 17.92
C ALA A 96 28.83 -21.32 17.33
N GLU A 97 29.61 -20.55 16.59
CA GLU A 97 30.82 -21.06 15.95
C GLU A 97 32.03 -20.66 16.79
N LYS A 98 32.62 -21.64 17.47
CA LYS A 98 33.81 -21.41 18.28
C LYS A 98 35.07 -21.64 17.46
N GLY A 99 36.20 -21.18 17.99
CA GLY A 99 37.47 -21.26 17.30
C GLY A 99 38.19 -22.58 17.54
N THR A 100 39.06 -22.90 16.58
CA THR A 100 39.86 -24.12 16.63
C THR A 100 41.22 -23.87 17.29
N ASP A 101 42.12 -24.85 17.16
CA ASP A 101 43.52 -24.82 17.61
C ASP A 101 43.99 -23.54 18.28
N LYS A 102 44.71 -22.67 17.54
CA LYS A 102 45.37 -21.52 18.13
C LYS A 102 44.39 -20.47 18.64
N ASP A 103 43.12 -20.55 18.26
CA ASP A 103 42.12 -19.54 18.60
C ASP A 103 40.96 -20.20 19.37
N VAL A 104 41.31 -21.05 20.33
CA VAL A 104 40.31 -21.67 21.19
C VAL A 104 39.65 -20.59 22.04
N ASP A 105 38.34 -20.72 22.26
CA ASP A 105 37.54 -19.80 23.06
C ASP A 105 37.43 -18.44 22.37
N LYS A 106 37.58 -18.42 21.05
CA LYS A 106 37.30 -17.25 20.24
C LYS A 106 36.14 -17.53 19.30
N TYR A 107 35.44 -16.46 18.93
CA TYR A 107 34.24 -16.57 18.12
C TYR A 107 34.47 -15.91 16.76
N LYS A 108 33.67 -16.33 15.79
CA LYS A 108 33.73 -15.77 14.44
C LYS A 108 33.06 -14.41 14.43
N ALA A 109 33.74 -13.42 13.85
CA ALA A 109 33.27 -12.04 13.92
C ALA A 109 33.65 -11.31 12.64
N THR A 110 33.01 -10.16 12.43
CA THR A 110 33.31 -9.25 11.34
C THR A 110 33.50 -7.85 11.90
N TYR A 111 34.28 -7.03 11.22
CA TYR A 111 34.69 -5.72 11.73
C TYR A 111 34.34 -4.65 10.72
N PHE A 112 33.65 -3.61 11.18
CA PHE A 112 33.26 -2.49 10.32
C PHE A 112 33.62 -1.17 11.00
N GLN A 113 33.82 -0.14 10.18
CA GLN A 113 33.95 1.24 10.63
C GLN A 113 33.06 2.12 9.77
N GLY A 114 32.26 2.97 10.40
CA GLY A 114 31.33 3.81 9.69
C GLY A 114 30.89 5.01 10.50
N TYR A 115 29.98 5.78 9.92
CA TYR A 115 29.42 6.98 10.53
C TYR A 115 27.99 6.70 10.99
N VAL A 116 27.50 7.54 11.89
CA VAL A 116 26.10 7.51 12.28
C VAL A 116 25.33 8.51 11.43
N SER A 117 24.21 8.07 10.87
CA SER A 117 23.47 8.91 9.93
C SER A 117 22.03 9.14 10.36
N SER A 118 21.48 8.25 11.19
CA SER A 118 20.11 8.40 11.66
C SER A 118 20.05 8.09 13.15
N PHE A 119 19.17 8.80 13.86
CA PHE A 119 18.99 8.62 15.30
C PHE A 119 17.59 9.08 15.65
N SER A 120 16.67 8.14 15.82
CA SER A 120 15.26 8.47 16.04
C SER A 120 14.68 7.61 17.14
N LYS A 121 13.66 8.16 17.82
CA LYS A 121 12.93 7.43 18.84
C LYS A 121 11.58 8.10 19.04
N THR A 122 10.55 7.27 19.23
CA THR A 122 9.18 7.75 19.36
C THR A 122 8.57 7.24 20.66
N PRO A 123 8.41 8.08 21.68
CA PRO A 123 7.77 7.61 22.92
C PRO A 123 6.25 7.59 22.84
N ASN A 124 5.63 6.48 23.21
CA ASN A 124 4.19 6.34 23.27
C ASN A 124 3.73 6.48 24.72
N SER A 125 2.45 6.24 24.95
CA SER A 125 1.87 6.36 26.28
C SER A 125 1.71 5.03 27.01
N GLU A 126 1.93 3.90 26.32
CA GLU A 126 1.77 2.59 26.95
C GLU A 126 2.84 1.60 26.49
N ASP A 127 3.86 2.05 25.77
CA ASP A 127 4.94 1.20 25.28
C ASP A 127 6.28 1.75 25.74
N ALA A 128 7.27 0.86 25.83
CA ALA A 128 8.61 1.26 26.21
C ALA A 128 9.32 1.94 25.04
N LEU A 129 10.32 2.74 25.35
CA LEU A 129 11.07 3.46 24.34
C LEU A 129 11.87 2.49 23.48
N GLU A 130 11.87 2.74 22.17
CA GLU A 130 12.68 2.00 21.21
C GLU A 130 13.53 2.96 20.41
N LEU A 131 14.80 2.60 20.21
CA LEU A 131 15.77 3.44 19.53
C LEU A 131 16.21 2.77 18.24
N GLU A 132 16.16 3.53 17.14
CA GLU A 132 16.55 3.04 15.82
C GLU A 132 17.78 3.81 15.35
N ILE A 133 18.82 3.09 14.96
CA ILE A 133 20.08 3.68 14.50
C ILE A 133 20.43 3.09 13.14
N GLU A 134 20.88 3.95 12.23
CA GLU A 134 21.34 3.54 10.91
C GLU A 134 22.77 4.01 10.71
N PHE A 135 23.61 3.16 10.14
CA PHE A 135 25.02 3.46 9.93
C PHE A 135 25.33 3.57 8.44
N ALA A 136 26.39 4.32 8.14
CA ALA A 136 26.94 4.43 6.79
C ALA A 136 28.38 3.96 6.82
N ILE A 137 28.65 2.83 6.18
CA ILE A 137 29.93 2.14 6.30
C ILE A 137 30.86 2.61 5.19
N ASN A 138 32.15 2.76 5.53
CA ASN A 138 33.12 3.28 4.58
C ASN A 138 33.56 2.23 3.57
N GLY A 139 34.00 1.06 4.02
CA GLY A 139 34.56 0.07 3.13
C GLY A 139 34.12 -1.33 3.49
N ILE A 140 34.62 -2.29 2.72
CA ILE A 140 34.23 -3.69 2.89
C ILE A 140 34.65 -4.20 4.27
N GLY A 141 33.73 -4.90 4.92
CA GLY A 141 34.01 -5.50 6.21
C GLY A 141 34.99 -6.66 6.09
N GLN A 142 35.76 -6.87 7.15
CA GLN A 142 36.80 -7.88 7.19
C GLN A 142 36.41 -9.00 8.14
N LYS A 143 36.78 -10.23 7.78
CA LYS A 143 36.46 -11.41 8.58
C LYS A 143 37.63 -11.78 9.48
N GLY A 144 37.32 -12.14 10.72
CA GLY A 144 38.33 -12.54 11.67
C GLY A 144 37.75 -13.19 12.91
N TYR A 145 38.59 -13.41 13.92
CA TYR A 145 38.17 -13.97 15.19
C TYR A 145 38.36 -12.94 16.31
N ALA A 146 37.36 -12.84 17.17
CA ALA A 146 37.34 -11.86 18.24
C ALA A 146 37.07 -12.55 19.57
N THR A 147 37.46 -11.89 20.65
CA THR A 147 37.32 -12.41 22.00
C THR A 147 36.17 -11.71 22.71
N LEU A 148 35.29 -12.50 23.31
CA LEU A 148 34.15 -12.01 24.06
C LEU A 148 34.29 -12.42 25.52
N THR A 149 34.14 -11.46 26.42
CA THR A 149 34.32 -11.71 27.84
C THR A 149 33.17 -12.56 28.39
N THR A 150 33.42 -13.17 29.55
CA THR A 150 32.43 -14.03 30.19
C THR A 150 31.19 -13.27 30.63
N ASP A 151 31.35 -12.06 31.16
CA ASP A 151 30.23 -11.27 31.64
C ASP A 151 29.28 -10.84 30.52
N GLN A 152 29.79 -10.69 29.30
CA GLN A 152 28.99 -10.21 28.18
C GLN A 152 28.30 -11.33 27.42
N ALA A 153 28.54 -12.59 27.79
CA ALA A 153 27.96 -13.72 27.07
C ALA A 153 26.90 -14.48 27.86
N GLU A 154 26.90 -14.38 29.18
CA GLU A 154 25.98 -15.15 30.00
C GLU A 154 24.83 -14.29 30.51
N VAL A 155 23.71 -14.94 30.80
CA VAL A 155 22.56 -14.27 31.35
C VAL A 155 22.54 -14.45 32.86
N VAL A 156 21.73 -13.64 33.54
CA VAL A 156 21.66 -13.63 35.00
C VAL A 156 20.25 -13.99 35.42
N SER A 157 20.12 -14.95 36.33
CA SER A 157 18.84 -15.35 36.88
C SER A 157 18.98 -15.60 38.38
N TYR A 158 17.85 -15.57 39.08
CA TYR A 158 17.86 -15.76 40.52
C TYR A 158 18.24 -17.20 40.88
N VAL A 159 18.75 -17.38 42.09
CA VAL A 159 19.16 -18.69 42.59
C VAL A 159 18.20 -19.13 43.67
N PHE A 160 18.33 -20.38 44.12
CA PHE A 160 17.45 -20.95 45.12
C PHE A 160 17.74 -20.37 46.51
N LYS A 161 16.68 -20.11 47.26
CA LYS A 161 16.77 -19.56 48.61
C LYS A 161 15.88 -20.39 49.53
N ASP A 162 16.31 -20.55 50.78
CA ASP A 162 15.55 -21.30 51.76
C ASP A 162 14.48 -20.39 52.38
N THR A 163 13.71 -20.93 53.33
CA THR A 163 12.66 -20.18 54.00
C THR A 163 13.13 -19.59 55.33
N VAL A 164 14.44 -19.53 55.54
CA VAL A 164 15.01 -18.95 56.75
C VAL A 164 15.20 -17.46 56.51
N LYS A 165 15.35 -16.69 57.58
CA LYS A 165 15.46 -15.24 57.46
C LYS A 165 16.76 -14.83 56.79
N VAL A 166 16.92 -13.53 56.59
CA VAL A 166 18.04 -12.95 55.85
C VAL A 166 18.93 -12.20 56.83
N GLU A 167 19.02 -12.73 58.05
CA GLU A 167 19.61 -12.07 59.23
C GLU A 167 20.80 -11.19 58.91
N GLU A 168 20.77 -9.95 59.40
CA GLU A 168 21.81 -8.96 59.15
C GLU A 168 23.19 -9.44 59.56
N GLU B 3 -2.32 -36.23 -12.41
CA GLU B 3 -2.34 -35.52 -11.14
C GLU B 3 -1.51 -34.24 -11.21
N ALA B 4 -1.53 -33.47 -10.13
CA ALA B 4 -0.81 -32.20 -10.08
C ALA B 4 0.63 -32.41 -9.62
N LYS B 5 1.47 -31.42 -9.91
CA LYS B 5 2.88 -31.46 -9.54
C LYS B 5 3.10 -30.58 -8.31
N LYS B 6 3.69 -31.16 -7.27
CA LYS B 6 3.99 -30.42 -6.06
C LYS B 6 5.26 -29.60 -6.24
N GLY B 7 5.44 -28.63 -5.34
CA GLY B 7 6.62 -27.79 -5.36
C GLY B 7 7.84 -28.37 -4.67
N ILE B 8 7.67 -29.45 -3.91
CA ILE B 8 8.79 -30.06 -3.20
C ILE B 8 9.74 -30.80 -4.13
N ASP B 9 9.33 -31.05 -5.38
CA ASP B 9 10.11 -31.84 -6.31
C ASP B 9 11.16 -31.04 -7.07
N VAL B 10 11.30 -29.74 -6.79
CA VAL B 10 12.25 -28.89 -7.48
C VAL B 10 13.32 -28.46 -6.49
N ILE B 11 14.59 -28.71 -6.83
CA ILE B 11 15.71 -28.36 -5.98
C ILE B 11 16.75 -27.63 -6.81
N LEU B 12 17.75 -27.08 -6.13
CA LEU B 12 18.81 -26.29 -6.75
C LEU B 12 20.17 -26.82 -6.31
N LEU B 13 21.16 -26.66 -7.18
CA LEU B 13 22.55 -27.00 -6.88
C LEU B 13 23.47 -25.85 -7.27
N TYR B 14 24.61 -25.76 -6.60
CA TYR B 14 25.58 -24.70 -6.85
C TYR B 14 26.99 -25.27 -6.90
N ARG B 15 27.88 -24.50 -7.53
CA ARG B 15 29.33 -24.66 -7.42
C ARG B 15 29.98 -23.48 -8.13
N VAL B 16 31.20 -23.16 -7.70
CA VAL B 16 31.93 -22.04 -8.28
C VAL B 16 32.66 -22.51 -9.53
N LEU B 17 32.81 -21.61 -10.50
CA LEU B 17 33.40 -21.99 -11.78
C LEU B 17 34.85 -22.43 -11.64
N LYS B 18 35.64 -21.73 -10.84
CA LYS B 18 37.06 -22.06 -10.70
C LYS B 18 37.31 -23.36 -9.95
N ASN B 19 36.29 -23.92 -9.30
CA ASN B 19 36.40 -25.22 -8.63
C ASN B 19 35.75 -26.34 -9.41
N GLU B 20 35.70 -26.24 -10.73
CA GLU B 20 35.06 -27.28 -11.55
C GLU B 20 35.85 -28.57 -11.60
N ALA B 21 37.14 -28.53 -11.29
CA ALA B 21 37.97 -29.74 -11.37
C ALA B 21 38.11 -30.43 -10.02
N LYS B 22 38.18 -29.67 -8.94
CA LYS B 22 38.41 -30.25 -7.62
C LYS B 22 37.13 -30.71 -6.93
N GLU B 23 36.03 -29.97 -7.09
CA GLU B 23 34.80 -30.26 -6.39
C GLU B 23 33.66 -30.53 -7.37
N ALA B 24 32.75 -31.40 -6.97
CA ALA B 24 31.54 -31.68 -7.71
C ALA B 24 30.43 -30.75 -7.22
N ALA B 25 29.21 -30.94 -7.72
CA ALA B 25 28.09 -30.11 -7.31
C ALA B 25 27.70 -30.41 -5.87
N TRP B 26 27.21 -29.37 -5.18
CA TRP B 26 26.79 -29.51 -3.81
C TRP B 26 25.41 -28.88 -3.63
N LYS B 27 24.59 -29.50 -2.80
CA LYS B 27 23.22 -29.07 -2.55
C LYS B 27 23.17 -28.23 -1.27
N MET B 28 22.41 -27.14 -1.30
CA MET B 28 22.22 -26.34 -0.12
C MET B 28 21.46 -27.12 0.94
N ALA B 29 21.69 -26.76 2.21
CA ALA B 29 21.21 -27.56 3.32
C ALA B 29 19.69 -27.55 3.43
N PHE B 30 19.10 -26.39 3.68
CA PHE B 30 17.65 -26.30 3.85
C PHE B 30 17.05 -25.38 2.80
N GLN B 31 16.12 -25.92 2.02
CA GLN B 31 15.43 -25.15 1.00
C GLN B 31 14.05 -24.74 1.48
N THR B 32 13.65 -23.51 1.14
CA THR B 32 12.32 -23.04 1.47
C THR B 32 11.51 -22.75 0.21
N GLU B 33 12.06 -21.92 -0.68
CA GLU B 33 11.41 -21.59 -1.94
C GLU B 33 12.41 -20.84 -2.81
N HIS B 34 12.03 -20.65 -4.08
CA HIS B 34 12.80 -19.83 -5.00
C HIS B 34 11.88 -19.37 -6.12
N SER B 35 12.30 -18.32 -6.82
CA SER B 35 11.50 -17.73 -7.88
C SER B 35 12.31 -17.68 -9.16
N ASN B 36 11.82 -18.32 -10.21
CA ASN B 36 12.45 -18.31 -11.52
C ASN B 36 11.47 -17.75 -12.53
N GLY B 37 11.75 -16.54 -13.01
CA GLY B 37 10.87 -15.89 -13.96
C GLY B 37 11.60 -15.09 -15.01
N LYS B 38 11.24 -15.31 -16.27
CA LYS B 38 11.82 -14.60 -17.41
C LYS B 38 10.76 -13.75 -18.07
N SER B 39 11.19 -12.60 -18.60
CA SER B 39 10.25 -11.64 -19.16
C SER B 39 10.90 -10.93 -20.34
N ARG B 40 10.06 -10.30 -21.15
CA ARG B 40 10.49 -9.55 -22.32
C ARG B 40 9.72 -8.23 -22.37
N ASP B 41 10.31 -7.25 -23.02
CA ASP B 41 9.71 -5.92 -23.16
C ASP B 41 9.29 -5.70 -24.62
N ALA B 42 8.03 -5.34 -24.80
CA ALA B 42 7.46 -5.15 -26.13
C ALA B 42 6.99 -3.70 -26.26
N ASP B 43 7.56 -2.99 -27.23
CA ASP B 43 7.16 -1.62 -27.54
C ASP B 43 6.55 -1.54 -28.92
N SER B 44 5.62 -0.60 -29.11
CA SER B 44 4.92 -0.44 -30.37
C SER B 44 5.34 0.86 -31.04
N THR B 45 5.72 0.78 -32.31
CA THR B 45 6.06 1.94 -33.12
C THR B 45 4.97 2.16 -34.15
N ALA B 46 4.45 3.38 -34.22
CA ALA B 46 3.33 3.67 -35.11
C ALA B 46 3.82 4.31 -36.39
N THR B 47 3.34 3.79 -37.52
CA THR B 47 3.60 4.36 -38.84
C THR B 47 2.29 4.43 -39.61
N LYS B 48 2.34 5.08 -40.77
CA LYS B 48 1.14 5.34 -41.54
C LYS B 48 0.55 4.07 -42.16
N ASP B 49 1.28 2.96 -42.14
CA ASP B 49 0.79 1.70 -42.69
C ASP B 49 0.23 0.76 -41.64
N GLY B 50 0.56 0.97 -40.36
CA GLY B 50 0.06 0.14 -39.29
C GLY B 50 1.07 -0.05 -38.19
N PRO B 51 0.64 -0.62 -37.06
CA PRO B 51 1.55 -0.83 -35.94
C PRO B 51 2.57 -1.92 -36.22
N ILE B 52 3.80 -1.69 -35.76
CA ILE B 52 4.89 -2.65 -35.87
C ILE B 52 5.43 -2.91 -34.47
N GLN B 53 5.70 -4.18 -34.17
CA GLN B 53 6.15 -4.60 -32.85
C GLN B 53 7.58 -5.09 -32.91
N ASN B 54 8.42 -4.56 -32.02
CA ASN B 54 9.82 -4.97 -31.91
C ASN B 54 10.05 -5.54 -30.53
N MET B 55 10.70 -6.70 -30.48
CA MET B 55 10.96 -7.40 -29.22
C MET B 55 12.41 -7.18 -28.81
N ALA B 56 12.65 -7.06 -27.51
CA ALA B 56 13.96 -6.77 -26.96
C ALA B 56 14.57 -8.04 -26.37
N ALA B 57 15.73 -7.90 -25.74
CA ALA B 57 16.44 -9.03 -25.17
C ALA B 57 15.72 -9.55 -23.93
N ILE B 58 16.05 -10.79 -23.55
CA ILE B 58 15.42 -11.46 -22.42
C ILE B 58 16.04 -10.93 -21.13
N GLU B 59 15.19 -10.62 -20.15
CA GLU B 59 15.63 -10.19 -18.84
C GLU B 59 15.18 -11.22 -17.80
N TYR B 60 16.12 -11.66 -16.97
CA TYR B 60 15.88 -12.71 -15.99
C TYR B 60 15.63 -12.12 -14.61
N ASP B 61 14.84 -12.84 -13.83
CA ASP B 61 14.58 -12.51 -12.42
C ASP B 61 14.74 -13.79 -11.62
N PHE B 62 15.80 -13.86 -10.81
CA PHE B 62 16.12 -15.05 -10.06
C PHE B 62 16.26 -14.71 -8.58
N SER B 63 15.92 -15.66 -7.72
CA SER B 63 15.99 -15.46 -6.29
C SER B 63 16.04 -16.82 -5.60
N ALA B 64 16.52 -16.82 -4.36
CA ALA B 64 16.59 -18.04 -3.56
C ALA B 64 16.42 -17.68 -2.09
N THR B 65 15.83 -18.61 -1.34
CA THR B 65 15.63 -18.45 0.10
C THR B 65 15.96 -19.76 0.78
N SER B 66 16.60 -19.66 1.96
CA SER B 66 17.05 -20.84 2.69
C SER B 66 17.10 -20.53 4.17
N ILE B 67 17.40 -21.55 4.96
CA ILE B 67 17.58 -21.42 6.40
C ILE B 67 18.99 -21.84 6.73
N VAL B 68 19.74 -20.97 7.41
CA VAL B 68 21.14 -21.23 7.68
C VAL B 68 21.28 -22.39 8.66
N ALA B 69 22.19 -23.31 8.36
CA ALA B 69 22.49 -24.44 9.22
C ALA B 69 23.74 -24.14 10.05
N VAL B 70 23.89 -24.86 11.15
CA VAL B 70 25.01 -24.65 12.06
C VAL B 70 26.15 -25.59 11.70
N GLY B 71 27.33 -25.02 11.47
CA GLY B 71 28.49 -25.81 11.07
C GLY B 71 28.65 -25.87 9.56
N ASP B 72 27.97 -24.98 8.86
CA ASP B 72 27.96 -24.98 7.40
C ASP B 72 29.10 -24.12 6.88
N LYS B 73 29.87 -24.66 5.95
CA LYS B 73 30.98 -23.96 5.33
C LYS B 73 30.64 -23.39 3.95
N HIS B 74 29.59 -23.91 3.30
CA HIS B 74 29.28 -23.53 1.92
C HIS B 74 28.91 -22.06 1.79
N ILE B 75 28.18 -21.51 2.76
CA ILE B 75 27.75 -20.11 2.68
C ILE B 75 28.95 -19.18 2.64
N ASP B 76 30.02 -19.52 3.37
CA ASP B 76 31.24 -18.72 3.29
C ASP B 76 31.82 -18.72 1.88
N GLU B 77 31.71 -19.84 1.16
CA GLU B 77 32.18 -19.88 -0.22
C GLU B 77 31.39 -18.92 -1.09
N LEU B 78 30.07 -18.88 -0.93
CA LEU B 78 29.25 -17.94 -1.69
C LEU B 78 29.59 -16.50 -1.35
N ASP B 79 29.79 -16.20 -0.06
CA ASP B 79 30.18 -14.85 0.33
C ASP B 79 31.52 -14.44 -0.26
N ASP B 80 32.51 -15.34 -0.24
CA ASP B 80 33.80 -15.06 -0.85
C ASP B 80 33.67 -14.84 -2.36
N ALA B 81 32.86 -15.68 -3.03
CA ALA B 81 32.65 -15.51 -4.46
C ALA B 81 31.96 -14.20 -4.79
N PHE B 82 31.02 -13.75 -3.95
CA PHE B 82 30.39 -12.46 -4.15
C PHE B 82 31.36 -11.30 -3.93
N ASP B 83 32.21 -11.38 -2.90
CA ASP B 83 33.16 -10.32 -2.63
C ASP B 83 34.28 -10.22 -3.66
N ASN B 84 34.42 -11.22 -4.54
CA ASN B 84 35.48 -11.22 -5.53
C ASN B 84 34.99 -11.33 -6.97
N SER B 85 33.67 -11.27 -7.21
CA SER B 85 33.09 -11.30 -8.55
C SER B 85 33.48 -12.56 -9.32
N GLU B 86 33.13 -13.72 -8.78
CA GLU B 86 33.37 -15.00 -9.44
C GLU B 86 32.08 -15.58 -9.97
N LEU B 87 32.18 -16.32 -11.07
CA LEU B 87 31.02 -16.91 -11.70
C LEU B 87 30.52 -18.11 -10.91
N VAL B 88 29.20 -18.23 -10.82
CA VAL B 88 28.54 -19.30 -10.06
C VAL B 88 27.66 -20.09 -11.00
N GLU B 89 27.77 -21.41 -10.95
CA GLU B 89 26.93 -22.32 -11.73
C GLU B 89 25.69 -22.69 -10.93
N ILE B 90 24.53 -22.64 -11.58
CA ILE B 90 23.26 -22.93 -10.94
C ILE B 90 22.55 -24.03 -11.73
N TRP B 91 22.00 -25.00 -11.01
CA TRP B 91 21.21 -26.07 -11.60
C TRP B 91 19.81 -26.07 -11.01
N GLU B 92 18.81 -26.36 -11.84
CA GLU B 92 17.44 -26.54 -11.39
C GLU B 92 16.95 -27.90 -11.89
N ILE B 93 16.71 -28.82 -10.95
CA ILE B 93 16.43 -30.21 -11.29
C ILE B 93 15.05 -30.59 -10.76
N ASP B 94 14.29 -31.31 -11.59
CA ASP B 94 12.98 -31.83 -11.23
C ASP B 94 13.13 -33.29 -10.82
N LYS B 95 12.43 -33.67 -9.75
CA LYS B 95 12.47 -35.03 -9.24
C LYS B 95 11.31 -35.89 -9.73
N ALA B 96 10.44 -35.36 -10.60
CA ALA B 96 9.27 -36.11 -11.06
C ALA B 96 9.45 -36.67 -12.47
N GLU B 97 10.17 -35.98 -13.34
CA GLU B 97 10.35 -36.42 -14.73
C GLU B 97 11.68 -37.15 -14.84
N LYS B 98 11.63 -38.47 -14.96
CA LYS B 98 12.82 -39.29 -15.12
C LYS B 98 13.16 -39.45 -16.60
N GLY B 99 14.39 -39.90 -16.84
CA GLY B 99 14.89 -40.07 -18.19
C GLY B 99 14.48 -41.40 -18.82
N THR B 100 14.41 -41.38 -20.15
CA THR B 100 14.06 -42.56 -20.93
C THR B 100 15.29 -43.34 -21.37
N ASP B 101 15.08 -44.30 -22.26
CA ASP B 101 16.09 -45.14 -22.91
C ASP B 101 17.55 -44.86 -22.55
N LYS B 102 18.27 -44.12 -23.39
CA LYS B 102 19.71 -43.94 -23.26
C LYS B 102 20.11 -43.27 -21.95
N ASP B 103 19.21 -42.47 -21.37
CA ASP B 103 19.52 -41.65 -20.21
C ASP B 103 18.57 -41.98 -19.06
N VAL B 104 18.40 -43.28 -18.81
CA VAL B 104 17.61 -43.75 -17.68
C VAL B 104 18.32 -43.35 -16.39
N ASP B 105 17.53 -43.06 -15.34
CA ASP B 105 18.02 -42.65 -14.02
C ASP B 105 18.65 -41.26 -14.09
N LYS B 106 18.26 -40.47 -15.09
CA LYS B 106 18.61 -39.06 -15.17
C LYS B 106 17.34 -38.21 -15.11
N TYR B 107 17.49 -37.00 -14.62
CA TYR B 107 16.37 -36.09 -14.42
C TYR B 107 16.46 -34.91 -15.38
N LYS B 108 15.32 -34.27 -15.60
CA LYS B 108 15.24 -33.10 -16.45
C LYS B 108 15.75 -31.88 -15.69
N ALA B 109 16.70 -31.16 -16.27
CA ALA B 109 17.39 -30.10 -15.56
C ALA B 109 17.58 -28.91 -16.50
N THR B 110 17.95 -27.77 -15.92
CA THR B 110 18.28 -26.56 -16.65
C THR B 110 19.53 -25.95 -16.06
N TYR B 111 20.41 -25.43 -16.92
CA TYR B 111 21.74 -25.01 -16.52
C TYR B 111 21.91 -23.52 -16.73
N PHE B 112 22.46 -22.83 -15.72
CA PHE B 112 22.70 -21.39 -15.78
C PHE B 112 24.12 -21.08 -15.31
N GLN B 113 24.60 -19.91 -15.72
CA GLN B 113 25.80 -19.30 -15.17
C GLN B 113 25.53 -17.82 -14.95
N GLY B 114 25.90 -17.31 -13.77
CA GLY B 114 25.64 -15.93 -13.43
C GLY B 114 26.50 -15.44 -12.29
N TYR B 115 26.26 -14.20 -11.90
CA TYR B 115 26.96 -13.54 -10.81
C TYR B 115 26.05 -13.44 -9.59
N VAL B 116 26.65 -13.17 -8.44
CA VAL B 116 25.87 -12.88 -7.23
C VAL B 116 25.77 -11.37 -7.07
N SER B 117 24.55 -10.88 -6.83
CA SER B 117 24.32 -9.45 -6.79
C SER B 117 23.75 -8.98 -5.46
N SER B 118 23.14 -9.88 -4.69
CA SER B 118 22.58 -9.53 -3.40
C SER B 118 22.88 -10.62 -2.39
N PHE B 119 23.06 -10.23 -1.14
CA PHE B 119 23.36 -11.16 -0.06
C PHE B 119 22.93 -10.50 1.25
N SER B 120 21.77 -10.89 1.78
CA SER B 120 21.20 -10.24 2.95
C SER B 120 20.64 -11.28 3.91
N LYS B 121 20.61 -10.92 5.19
CA LYS B 121 20.02 -11.76 6.22
C LYS B 121 19.71 -10.89 7.42
N THR B 122 18.55 -11.17 8.05
CA THR B 122 18.06 -10.37 9.17
C THR B 122 17.79 -11.29 10.36
N PRO B 123 18.64 -11.29 11.39
CA PRO B 123 18.36 -12.11 12.58
C PRO B 123 17.38 -11.45 13.53
N ASN B 124 16.34 -12.19 13.94
CA ASN B 124 15.35 -11.72 14.90
C ASN B 124 15.68 -12.29 16.28
N SER B 125 14.76 -12.09 17.23
CA SER B 125 14.95 -12.56 18.59
C SER B 125 14.24 -13.87 18.89
N GLU B 126 13.34 -14.32 18.01
CA GLU B 126 12.62 -15.57 18.24
C GLU B 126 12.45 -16.39 16.97
N ASP B 127 13.07 -15.98 15.86
CA ASP B 127 12.98 -16.69 14.60
C ASP B 127 14.37 -17.16 14.18
N ALA B 128 14.40 -18.21 13.36
CA ALA B 128 15.65 -18.73 12.85
C ALA B 128 16.17 -17.85 11.71
N LEU B 129 17.48 -17.92 11.49
CA LEU B 129 18.10 -17.13 10.44
C LEU B 129 17.64 -17.58 9.06
N GLU B 130 17.37 -16.61 8.18
CA GLU B 130 17.02 -16.86 6.80
C GLU B 130 17.95 -16.08 5.90
N LEU B 131 18.43 -16.71 4.83
CA LEU B 131 19.37 -16.11 3.89
C LEU B 131 18.70 -15.96 2.53
N GLU B 132 18.77 -14.77 1.96
CA GLU B 132 18.18 -14.47 0.67
C GLU B 132 19.28 -14.08 -0.31
N ILE B 133 19.34 -14.76 -1.44
CA ILE B 133 20.37 -14.54 -2.45
C ILE B 133 19.69 -14.24 -3.78
N GLU B 134 20.21 -13.25 -4.51
CA GLU B 134 19.71 -12.89 -5.83
C GLU B 134 20.86 -12.99 -6.82
N PHE B 135 20.57 -13.54 -8.00
CA PHE B 135 21.58 -13.75 -9.03
C PHE B 135 21.32 -12.86 -10.24
N ALA B 136 22.38 -12.64 -11.01
CA ALA B 136 22.32 -11.94 -12.28
C ALA B 136 22.91 -12.84 -13.36
N ILE B 137 22.07 -13.31 -14.27
CA ILE B 137 22.43 -14.36 -15.22
C ILE B 137 22.92 -13.70 -16.50
N ASN B 138 23.96 -14.29 -17.10
CA ASN B 138 24.56 -13.72 -18.30
C ASN B 138 23.73 -13.96 -19.54
N GLY B 139 23.37 -15.20 -19.82
CA GLY B 139 22.70 -15.54 -21.06
C GLY B 139 21.59 -16.55 -20.85
N ILE B 140 20.97 -16.96 -21.97
CA ILE B 140 19.84 -17.86 -21.91
C ILE B 140 20.26 -19.22 -21.34
N GLY B 141 19.45 -19.71 -20.41
CA GLY B 141 19.68 -21.02 -19.84
C GLY B 141 19.43 -22.13 -20.84
N GLN B 142 20.19 -23.22 -20.69
CA GLN B 142 20.14 -24.35 -21.59
C GLN B 142 19.42 -25.53 -20.95
N LYS B 143 18.67 -26.27 -21.76
CA LYS B 143 17.90 -27.41 -21.28
C LYS B 143 18.65 -28.71 -21.56
N GLY B 144 18.71 -29.57 -20.55
CA GLY B 144 19.40 -30.84 -20.67
C GLY B 144 19.03 -31.82 -19.59
N TYR B 145 19.75 -32.94 -19.52
CA TYR B 145 19.54 -33.96 -18.51
C TYR B 145 20.75 -34.05 -17.61
N ALA B 146 20.50 -34.15 -16.30
CA ALA B 146 21.54 -34.15 -15.29
C ALA B 146 21.37 -35.35 -14.37
N THR B 147 22.45 -35.72 -13.69
CA THR B 147 22.47 -36.85 -12.78
C THR B 147 22.52 -36.36 -11.35
N LEU B 148 21.64 -36.93 -10.51
CA LEU B 148 21.57 -36.60 -9.10
C LEU B 148 21.92 -37.83 -8.27
N THR B 149 22.82 -37.66 -7.30
CA THR B 149 23.27 -38.77 -6.50
C THR B 149 22.18 -39.24 -5.54
N THR B 150 22.35 -40.45 -5.01
CA THR B 150 21.39 -41.03 -4.10
C THR B 150 21.29 -40.29 -2.78
N ASP B 151 22.41 -39.81 -2.24
CA ASP B 151 22.41 -39.12 -0.96
C ASP B 151 21.72 -37.76 -1.03
N GLN B 152 21.65 -37.14 -2.21
CA GLN B 152 21.04 -35.82 -2.35
C GLN B 152 19.56 -35.87 -2.67
N ALA B 153 18.98 -37.06 -2.85
CA ALA B 153 17.58 -37.19 -3.22
C ALA B 153 16.70 -37.77 -2.11
N GLU B 154 17.28 -38.54 -1.20
CA GLU B 154 16.50 -39.22 -0.17
C GLU B 154 16.57 -38.48 1.15
N VAL B 155 15.54 -38.65 1.97
CA VAL B 155 15.49 -38.06 3.29
C VAL B 155 15.89 -39.11 4.32
N VAL B 156 16.20 -38.66 5.53
CA VAL B 156 16.69 -39.52 6.61
C VAL B 156 15.72 -39.44 7.78
N SER B 157 15.30 -40.59 8.29
CA SER B 157 14.42 -40.68 9.43
C SER B 157 14.85 -41.84 10.32
N TYR B 158 14.41 -41.80 11.56
CA TYR B 158 14.78 -42.83 12.53
C TYR B 158 14.15 -44.17 12.16
N VAL B 159 14.76 -45.25 12.65
CA VAL B 159 14.29 -46.61 12.39
C VAL B 159 13.77 -47.22 13.69
N PHE B 160 13.19 -48.41 13.60
CA PHE B 160 12.61 -49.09 14.74
C PHE B 160 13.70 -49.65 15.65
N LYS B 161 13.49 -49.52 16.95
CA LYS B 161 14.41 -50.01 17.97
C LYS B 161 13.62 -50.78 19.02
N ASP B 162 14.25 -51.81 19.59
CA ASP B 162 13.61 -52.61 20.62
C ASP B 162 13.79 -51.95 21.99
N THR B 163 13.30 -52.60 23.03
CA THR B 163 13.40 -52.10 24.39
C THR B 163 14.58 -52.72 25.15
N VAL B 164 15.59 -53.20 24.42
CA VAL B 164 16.76 -53.82 25.04
C VAL B 164 17.86 -52.75 25.10
N LYS B 165 18.88 -52.98 25.91
CA LYS B 165 19.93 -51.99 26.10
C LYS B 165 20.74 -51.79 24.82
N VAL B 166 21.70 -50.87 24.89
CA VAL B 166 22.50 -50.45 23.74
C VAL B 166 23.92 -50.96 24.03
N GLU B 167 23.99 -52.14 24.65
CA GLU B 167 25.21 -52.71 25.24
C GLU B 167 26.48 -52.39 24.47
N GLU B 168 27.48 -51.90 25.19
CA GLU B 168 28.75 -51.46 24.60
C GLU B 168 29.46 -52.59 23.85
N GLU C 3 -31.08 -15.95 -15.77
CA GLU C 3 -30.12 -16.26 -14.73
C GLU C 3 -28.75 -15.68 -15.06
N ALA C 4 -27.82 -15.80 -14.13
CA ALA C 4 -26.48 -15.27 -14.30
C ALA C 4 -25.58 -16.28 -15.00
N LYS C 5 -24.49 -15.76 -15.59
CA LYS C 5 -23.52 -16.60 -16.29
C LYS C 5 -22.32 -16.85 -15.39
N LYS C 6 -22.01 -18.13 -15.17
CA LYS C 6 -20.88 -18.50 -14.33
C LYS C 6 -19.57 -18.31 -15.09
N GLY C 7 -18.48 -18.25 -14.33
CA GLY C 7 -17.16 -18.10 -14.92
C GLY C 7 -16.52 -19.37 -15.41
N ILE C 8 -17.08 -20.53 -15.04
CA ILE C 8 -16.53 -21.82 -15.48
C ILE C 8 -16.70 -22.06 -16.97
N ASP C 9 -17.76 -21.52 -17.56
CA ASP C 9 -18.12 -21.82 -18.95
C ASP C 9 -17.18 -21.19 -19.98
N VAL C 10 -16.14 -20.47 -19.54
CA VAL C 10 -15.21 -19.82 -20.45
C VAL C 10 -13.87 -20.53 -20.36
N ILE C 11 -13.37 -21.02 -21.49
CA ILE C 11 -12.10 -21.74 -21.56
C ILE C 11 -11.24 -21.14 -22.66
N LEU C 12 -9.97 -21.57 -22.68
CA LEU C 12 -8.99 -21.06 -23.64
C LEU C 12 -8.35 -22.23 -24.38
N LEU C 13 -7.89 -21.98 -25.60
CA LEU C 13 -7.15 -22.94 -26.39
C LEU C 13 -5.92 -22.29 -26.99
N TYR C 14 -4.91 -23.09 -27.29
CA TYR C 14 -3.66 -22.62 -27.88
C TYR C 14 -3.20 -23.56 -28.99
N ARG C 15 -2.37 -23.02 -29.88
CA ARG C 15 -1.59 -23.79 -30.83
C ARG C 15 -0.59 -22.85 -31.51
N VAL C 16 0.53 -23.41 -31.96
CA VAL C 16 1.57 -22.62 -32.58
C VAL C 16 1.28 -22.46 -34.07
N LEU C 17 1.71 -21.32 -34.63
CA LEU C 17 1.37 -21.01 -36.02
C LEU C 17 1.97 -22.00 -37.01
N LYS C 18 3.23 -22.39 -36.81
CA LYS C 18 3.89 -23.28 -37.75
C LYS C 18 3.36 -24.71 -37.71
N ASN C 19 2.57 -25.05 -36.69
CA ASN C 19 1.94 -26.37 -36.60
C ASN C 19 0.49 -26.35 -37.09
N GLU C 20 0.17 -25.48 -38.04
CA GLU C 20 -1.21 -25.36 -38.51
C GLU C 20 -1.68 -26.60 -39.27
N ALA C 21 -0.78 -27.31 -39.96
CA ALA C 21 -1.18 -28.46 -40.76
C ALA C 21 -1.03 -29.78 -40.02
N LYS C 22 -0.02 -29.91 -39.17
CA LYS C 22 0.25 -31.17 -38.50
C LYS C 22 -0.60 -31.38 -37.25
N GLU C 23 -0.86 -30.34 -36.48
CA GLU C 23 -1.57 -30.46 -35.21
C GLU C 23 -2.79 -29.55 -35.20
N ALA C 24 -3.84 -30.04 -34.53
CA ALA C 24 -5.05 -29.29 -34.31
C ALA C 24 -4.94 -28.53 -32.99
N ALA C 25 -6.01 -27.87 -32.57
CA ALA C 25 -6.01 -27.12 -31.33
C ALA C 25 -5.93 -28.05 -30.13
N TRP C 26 -5.29 -27.58 -29.06
CA TRP C 26 -5.14 -28.35 -27.84
C TRP C 26 -5.52 -27.48 -26.65
N LYS C 27 -6.13 -28.11 -25.65
CA LYS C 27 -6.63 -27.43 -24.46
C LYS C 27 -5.65 -27.58 -23.31
N MET C 28 -5.50 -26.53 -22.51
CA MET C 28 -4.67 -26.60 -21.32
C MET C 28 -5.26 -27.62 -20.33
N ALA C 29 -4.39 -28.20 -19.52
CA ALA C 29 -4.78 -29.24 -18.59
C ALA C 29 -5.68 -28.70 -17.48
N PHE C 30 -5.14 -27.81 -16.66
CA PHE C 30 -5.90 -27.26 -15.53
C PHE C 30 -6.02 -25.76 -15.66
N GLN C 31 -7.24 -25.26 -15.74
CA GLN C 31 -7.52 -23.84 -15.78
C GLN C 31 -7.90 -23.32 -14.40
N THR C 32 -7.42 -22.13 -14.07
CA THR C 32 -7.81 -21.48 -12.83
C THR C 32 -8.56 -20.18 -13.11
N GLU C 33 -7.97 -19.29 -13.90
CA GLU C 33 -8.59 -18.02 -14.26
C GLU C 33 -7.76 -17.38 -15.37
N HIS C 34 -8.32 -16.32 -15.96
CA HIS C 34 -7.60 -15.50 -16.93
C HIS C 34 -8.25 -14.13 -16.96
N SER C 35 -7.51 -13.16 -17.47
CA SER C 35 -7.97 -11.77 -17.52
C SER C 35 -7.89 -11.27 -18.95
N ASN C 36 -9.03 -10.85 -19.50
CA ASN C 36 -9.11 -10.29 -20.83
C ASN C 36 -9.69 -8.88 -20.72
N GLY C 37 -8.86 -7.88 -20.99
CA GLY C 37 -9.31 -6.50 -20.90
C GLY C 37 -8.67 -5.60 -21.92
N LYS C 38 -9.49 -4.83 -22.63
CA LYS C 38 -9.03 -3.90 -23.64
C LYS C 38 -9.34 -2.47 -23.20
N SER C 39 -8.48 -1.54 -23.59
CA SER C 39 -8.60 -0.16 -23.16
C SER C 39 -8.12 0.76 -24.27
N ARG C 40 -8.56 2.01 -24.19
CA ARG C 40 -8.17 3.06 -25.14
C ARG C 40 -7.77 4.29 -24.36
N ASP C 41 -6.96 5.14 -25.00
CA ASP C 41 -6.45 6.35 -24.37
C ASP C 41 -7.16 7.57 -24.95
N ALA C 42 -7.67 8.42 -24.06
CA ALA C 42 -8.43 9.60 -24.46
C ALA C 42 -7.74 10.84 -23.90
N ASP C 43 -7.28 11.70 -24.80
CA ASP C 43 -6.69 12.98 -24.42
C ASP C 43 -7.52 14.14 -24.96
N SER C 44 -7.38 15.30 -24.34
CA SER C 44 -8.15 16.48 -24.73
C SER C 44 -7.23 17.61 -25.14
N THR C 45 -7.53 18.24 -26.28
CA THR C 45 -6.80 19.41 -26.76
C THR C 45 -7.71 20.62 -26.69
N ALA C 46 -7.22 21.69 -26.07
CA ALA C 46 -8.03 22.87 -25.86
C ALA C 46 -7.76 23.93 -26.93
N THR C 47 -8.83 24.44 -27.52
CA THR C 47 -8.75 25.54 -28.47
C THR C 47 -9.81 26.58 -28.11
N LYS C 48 -9.76 27.71 -28.82
CA LYS C 48 -10.63 28.83 -28.50
C LYS C 48 -12.10 28.58 -28.84
N ASP C 49 -12.40 27.50 -29.58
CA ASP C 49 -13.77 27.18 -29.94
C ASP C 49 -14.38 26.10 -29.06
N GLY C 50 -13.56 25.35 -28.32
CA GLY C 50 -14.06 24.32 -27.44
C GLY C 50 -13.16 23.11 -27.38
N PRO C 51 -13.41 22.21 -26.44
CA PRO C 51 -12.57 21.01 -26.33
C PRO C 51 -12.80 20.04 -27.47
N ILE C 52 -11.70 19.43 -27.91
CA ILE C 52 -11.72 18.42 -28.96
C ILE C 52 -11.01 17.17 -28.43
N GLN C 53 -11.59 16.01 -28.72
CA GLN C 53 -11.07 14.74 -28.23
C GLN C 53 -10.58 13.89 -29.40
N ASN C 54 -9.34 13.42 -29.30
CA ASN C 54 -8.76 12.50 -30.27
C ASN C 54 -8.51 11.18 -29.56
N MET C 55 -9.02 10.09 -30.12
CA MET C 55 -8.95 8.78 -29.50
C MET C 55 -7.77 8.02 -30.09
N ALA C 56 -7.07 7.25 -29.26
CA ALA C 56 -5.84 6.59 -29.66
C ALA C 56 -6.11 5.13 -30.05
N ALA C 57 -5.04 4.39 -30.30
CA ALA C 57 -5.16 3.00 -30.71
C ALA C 57 -5.53 2.11 -29.52
N ILE C 58 -6.00 0.91 -29.84
CA ILE C 58 -6.44 -0.05 -28.84
C ILE C 58 -5.23 -0.72 -28.22
N GLU C 59 -5.20 -0.80 -26.88
CA GLU C 59 -4.15 -1.49 -26.16
C GLU C 59 -4.76 -2.66 -25.40
N TYR C 60 -4.16 -3.83 -25.56
CA TYR C 60 -4.66 -5.06 -24.97
C TYR C 60 -3.90 -5.41 -23.70
N ASP C 61 -4.61 -6.06 -22.78
CA ASP C 61 -4.04 -6.58 -21.54
C ASP C 61 -4.55 -8.02 -21.37
N PHE C 62 -3.65 -8.98 -21.57
CA PHE C 62 -4.02 -10.40 -21.53
C PHE C 62 -3.16 -11.12 -20.50
N SER C 63 -3.75 -12.14 -19.87
CA SER C 63 -3.04 -12.92 -18.87
C SER C 63 -3.72 -14.26 -18.73
N ALA C 64 -2.97 -15.24 -18.22
CA ALA C 64 -3.50 -16.58 -18.00
C ALA C 64 -2.83 -17.18 -16.77
N THR C 65 -3.55 -18.07 -16.10
CA THR C 65 -3.04 -18.78 -14.93
C THR C 65 -3.49 -20.24 -14.99
N SER C 66 -2.59 -21.14 -14.61
CA SER C 66 -2.87 -22.57 -14.67
C SER C 66 -2.07 -23.28 -13.59
N ILE C 67 -2.30 -24.59 -13.47
CA ILE C 67 -1.59 -25.44 -12.54
C ILE C 67 -0.86 -26.51 -13.36
N VAL C 68 0.45 -26.62 -13.17
CA VAL C 68 1.26 -27.53 -13.96
C VAL C 68 0.87 -28.98 -13.65
N ALA C 69 0.69 -29.76 -14.71
CA ALA C 69 0.39 -31.18 -14.59
C ALA C 69 1.65 -32.01 -14.82
N VAL C 70 1.63 -33.23 -14.30
CA VAL C 70 2.80 -34.11 -14.39
C VAL C 70 2.70 -34.97 -15.64
N GLY C 71 3.76 -34.99 -16.43
CA GLY C 71 3.76 -35.74 -17.68
C GLY C 71 3.28 -34.90 -18.85
N ASP C 72 3.30 -33.57 -18.68
CA ASP C 72 2.78 -32.65 -19.66
C ASP C 72 3.91 -32.18 -20.57
N LYS C 73 3.69 -32.26 -21.88
CA LYS C 73 4.67 -31.86 -22.89
C LYS C 73 4.37 -30.47 -23.42
N HIS C 74 3.11 -30.03 -23.39
CA HIS C 74 2.69 -28.80 -24.07
C HIS C 74 3.41 -27.57 -23.53
N ILE C 75 3.71 -27.54 -22.23
CA ILE C 75 4.39 -26.38 -21.65
C ILE C 75 5.76 -26.17 -22.28
N ASP C 76 6.46 -27.27 -22.60
CA ASP C 76 7.73 -27.14 -23.29
C ASP C 76 7.57 -26.49 -24.66
N GLU C 77 6.44 -26.76 -25.34
CA GLU C 77 6.18 -26.10 -26.61
C GLU C 77 6.07 -24.59 -26.45
N LEU C 78 5.35 -24.15 -25.41
CA LEU C 78 5.24 -22.71 -25.15
C LEU C 78 6.58 -22.10 -24.77
N ASP C 79 7.39 -22.82 -23.98
CA ASP C 79 8.72 -22.33 -23.64
C ASP C 79 9.60 -22.17 -24.87
N ASP C 80 9.58 -23.17 -25.77
CA ASP C 80 10.37 -23.06 -26.99
C ASP C 80 9.86 -21.95 -27.90
N ALA C 81 8.53 -21.76 -27.97
CA ALA C 81 7.98 -20.66 -28.75
C ALA C 81 8.36 -19.30 -28.19
N PHE C 82 8.42 -19.17 -26.86
CA PHE C 82 8.89 -17.93 -26.26
C PHE C 82 10.37 -17.68 -26.49
N ASP C 83 11.19 -18.72 -26.40
CA ASP C 83 12.63 -18.56 -26.61
C ASP C 83 13.00 -18.32 -28.07
N ASN C 84 12.07 -18.50 -29.00
CA ASN C 84 12.36 -18.31 -30.42
C ASN C 84 11.46 -17.29 -31.11
N SER C 85 10.60 -16.59 -30.38
CA SER C 85 9.75 -15.55 -30.92
C SER C 85 8.84 -16.06 -32.03
N GLU C 86 7.97 -17.02 -31.70
CA GLU C 86 7.02 -17.57 -32.65
C GLU C 86 5.60 -17.12 -32.29
N LEU C 87 4.76 -17.02 -33.32
CA LEU C 87 3.39 -16.56 -33.14
C LEU C 87 2.53 -17.67 -32.54
N VAL C 88 1.64 -17.29 -31.64
CA VAL C 88 0.76 -18.22 -30.93
C VAL C 88 -0.68 -17.83 -31.20
N GLU C 89 -1.51 -18.81 -31.51
CA GLU C 89 -2.94 -18.60 -31.74
C GLU C 89 -3.70 -18.89 -30.45
N ILE C 90 -4.63 -18.00 -30.11
CA ILE C 90 -5.40 -18.10 -28.88
C ILE C 90 -6.88 -18.06 -29.23
N TRP C 91 -7.65 -18.96 -28.60
CA TRP C 91 -9.09 -19.01 -28.73
C TRP C 91 -9.74 -18.83 -27.37
N GLU C 92 -10.83 -18.07 -27.33
CA GLU C 92 -11.64 -17.92 -26.12
C GLU C 92 -13.06 -18.35 -26.46
N ILE C 93 -13.50 -19.46 -25.89
CA ILE C 93 -14.77 -20.09 -26.26
C ILE C 93 -15.71 -20.08 -25.07
N ASP C 94 -16.97 -19.75 -25.33
CA ASP C 94 -18.04 -19.79 -24.34
C ASP C 94 -18.81 -21.10 -24.48
N LYS C 95 -19.09 -21.75 -23.35
CA LYS C 95 -19.81 -23.02 -23.35
C LYS C 95 -21.30 -22.87 -23.06
N ALA C 96 -21.81 -21.64 -22.96
CA ALA C 96 -23.23 -21.42 -22.68
C ALA C 96 -24.02 -20.97 -23.90
N GLU C 97 -23.40 -20.24 -24.83
CA GLU C 97 -24.08 -19.75 -26.01
C GLU C 97 -23.78 -20.70 -27.18
N LYS C 98 -24.79 -21.48 -27.58
CA LYS C 98 -24.65 -22.40 -28.69
C LYS C 98 -25.13 -21.76 -29.98
N GLY C 99 -24.77 -22.38 -31.10
CA GLY C 99 -25.10 -21.86 -32.42
C GLY C 99 -26.50 -22.22 -32.88
N THR C 100 -27.01 -21.41 -33.81
CA THR C 100 -28.33 -21.59 -34.37
C THR C 100 -28.27 -22.33 -35.71
N ASP C 101 -29.41 -22.38 -36.41
CA ASP C 101 -29.59 -22.96 -37.73
C ASP C 101 -28.36 -23.54 -38.41
N LYS C 102 -27.71 -22.79 -39.30
CA LYS C 102 -26.62 -23.28 -40.13
C LYS C 102 -25.44 -23.78 -39.30
N ASP C 103 -25.25 -23.22 -38.11
CA ASP C 103 -24.06 -23.49 -37.29
C ASP C 103 -24.47 -24.08 -35.94
N VAL C 104 -25.39 -25.05 -35.99
CA VAL C 104 -25.79 -25.77 -34.79
C VAL C 104 -24.60 -26.55 -34.25
N ASP C 105 -24.51 -26.65 -32.92
CA ASP C 105 -23.46 -27.39 -32.22
C ASP C 105 -22.11 -26.67 -32.35
N LYS C 106 -22.15 -25.37 -32.61
CA LYS C 106 -20.97 -24.51 -32.55
C LYS C 106 -21.14 -23.47 -31.45
N TYR C 107 -20.00 -23.02 -30.92
CA TYR C 107 -20.00 -22.10 -29.79
C TYR C 107 -19.46 -20.74 -30.22
N LYS C 108 -19.81 -19.73 -29.44
CA LYS C 108 -19.35 -18.36 -29.70
C LYS C 108 -17.91 -18.21 -29.21
N ALA C 109 -17.06 -17.67 -30.07
CA ALA C 109 -15.63 -17.63 -29.78
C ALA C 109 -15.03 -16.37 -30.40
N THR C 110 -13.83 -16.02 -29.92
CA THR C 110 -13.04 -14.93 -30.46
C THR C 110 -11.64 -15.46 -30.75
N TYR C 111 -11.00 -14.88 -31.77
CA TYR C 111 -9.74 -15.39 -32.29
C TYR C 111 -8.66 -14.32 -32.20
N PHE C 112 -7.51 -14.66 -31.63
CA PHE C 112 -6.39 -13.75 -31.48
C PHE C 112 -5.10 -14.42 -31.96
N GLN C 113 -4.15 -13.59 -32.36
CA GLN C 113 -2.78 -14.00 -32.62
C GLN C 113 -1.83 -13.02 -31.95
N GLY C 114 -0.84 -13.55 -31.24
CA GLY C 114 0.09 -12.71 -30.51
C GLY C 114 1.36 -13.45 -30.15
N TYR C 115 2.24 -12.72 -29.46
CA TYR C 115 3.51 -13.24 -28.99
C TYR C 115 3.44 -13.55 -27.51
N VAL C 116 4.40 -14.34 -27.03
CA VAL C 116 4.54 -14.57 -25.60
C VAL C 116 5.59 -13.61 -25.05
N SER C 117 5.26 -12.95 -23.94
CA SER C 117 6.14 -11.91 -23.41
C SER C 117 6.61 -12.21 -21.99
N SER C 118 5.88 -13.04 -21.26
CA SER C 118 6.26 -13.39 -19.90
C SER C 118 6.03 -14.88 -19.66
N PHE C 119 6.87 -15.48 -18.82
CA PHE C 119 6.79 -16.89 -18.49
C PHE C 119 7.43 -17.09 -17.13
N SER C 120 6.62 -17.20 -16.08
CA SER C 120 7.13 -17.25 -14.72
C SER C 120 6.41 -18.33 -13.92
N LYS C 121 7.11 -18.86 -12.92
CA LYS C 121 6.53 -19.83 -12.00
C LYS C 121 7.37 -19.85 -10.73
N THR C 122 6.69 -19.99 -9.59
CA THR C 122 7.33 -19.94 -8.28
C THR C 122 6.96 -21.17 -7.47
N PRO C 123 7.88 -22.12 -7.28
CA PRO C 123 7.56 -23.30 -6.46
C PRO C 123 7.75 -23.05 -4.98
N ASN C 124 6.74 -23.39 -4.18
CA ASN C 124 6.80 -23.29 -2.73
C ASN C 124 7.09 -24.68 -2.15
N SER C 125 7.03 -24.78 -0.82
CA SER C 125 7.31 -26.04 -0.13
C SER C 125 6.05 -26.79 0.27
N GLU C 126 4.86 -26.19 0.13
CA GLU C 126 3.62 -26.85 0.50
C GLU C 126 2.49 -26.59 -0.49
N ASP C 127 2.75 -25.90 -1.58
CA ASP C 127 1.74 -25.57 -2.58
C ASP C 127 2.13 -26.17 -3.93
N ALA C 128 1.13 -26.36 -4.77
CA ALA C 128 1.36 -26.87 -6.11
C ALA C 128 1.90 -25.78 -7.03
N LEU C 129 2.56 -26.19 -8.10
CA LEU C 129 3.12 -25.24 -9.04
C LEU C 129 2.03 -24.48 -9.77
N GLU C 130 2.24 -23.19 -9.97
CA GLU C 130 1.35 -22.34 -10.74
C GLU C 130 2.15 -21.65 -11.84
N LEU C 131 1.60 -21.64 -13.05
CA LEU C 131 2.26 -21.06 -14.22
C LEU C 131 1.48 -19.83 -14.67
N GLU C 132 2.18 -18.71 -14.82
CA GLU C 132 1.58 -17.45 -15.24
C GLU C 132 2.18 -17.03 -16.57
N ILE C 133 1.31 -16.79 -17.56
CA ILE C 133 1.73 -16.42 -18.90
C ILE C 133 1.03 -15.13 -19.29
N GLU C 134 1.78 -14.21 -19.89
CA GLU C 134 1.23 -12.94 -20.37
C GLU C 134 1.55 -12.80 -21.86
N PHE C 135 0.54 -12.46 -22.64
CA PHE C 135 0.67 -12.35 -24.08
C PHE C 135 0.66 -10.90 -24.54
N ALA C 136 1.15 -10.69 -25.76
CA ALA C 136 1.10 -9.41 -26.44
C ALA C 136 0.48 -9.61 -27.82
N ILE C 137 -0.70 -9.02 -28.03
CA ILE C 137 -1.53 -9.30 -29.20
C ILE C 137 -1.26 -8.27 -30.28
N ASN C 138 -1.14 -8.73 -31.53
CA ASN C 138 -0.80 -7.86 -32.64
C ASN C 138 -1.93 -6.89 -33.00
N GLY C 139 -3.15 -7.39 -33.13
CA GLY C 139 -4.24 -6.57 -33.62
C GLY C 139 -5.57 -6.95 -33.02
N ILE C 140 -6.62 -6.31 -33.52
CA ILE C 140 -7.97 -6.50 -32.99
C ILE C 140 -8.42 -7.94 -33.20
N GLY C 141 -8.98 -8.53 -32.14
CA GLY C 141 -9.55 -9.86 -32.22
C GLY C 141 -10.84 -9.88 -33.03
N GLN C 142 -11.10 -11.01 -33.66
CA GLN C 142 -12.26 -11.17 -34.53
C GLN C 142 -13.25 -12.14 -33.90
N LYS C 143 -14.54 -11.88 -34.15
CA LYS C 143 -15.61 -12.69 -33.60
C LYS C 143 -16.08 -13.72 -34.62
N GLY C 144 -16.34 -14.94 -34.15
CA GLY C 144 -16.83 -16.00 -35.00
C GLY C 144 -17.34 -17.18 -34.21
N TYR C 145 -17.65 -18.28 -34.90
CA TYR C 145 -18.08 -19.51 -34.25
C TYR C 145 -17.05 -20.61 -34.49
N ALA C 146 -16.76 -21.36 -33.42
CA ALA C 146 -15.73 -22.39 -33.44
C ALA C 146 -16.33 -23.71 -32.98
N THR C 147 -15.65 -24.79 -33.32
CA THR C 147 -16.08 -26.14 -32.99
C THR C 147 -15.22 -26.70 -31.86
N LEU C 148 -15.89 -27.22 -30.83
CA LEU C 148 -15.22 -27.83 -29.69
C LEU C 148 -15.58 -29.30 -29.64
N THR C 149 -14.56 -30.16 -29.54
CA THR C 149 -14.77 -31.60 -29.54
C THR C 149 -15.44 -32.05 -28.24
N THR C 150 -16.00 -33.26 -28.28
CA THR C 150 -16.67 -33.82 -27.12
C THR C 150 -15.73 -34.10 -25.96
N ASP C 151 -14.51 -34.57 -26.24
CA ASP C 151 -13.56 -34.89 -25.20
C ASP C 151 -13.05 -33.65 -24.47
N GLN C 152 -13.09 -32.47 -25.10
CA GLN C 152 -12.59 -31.25 -24.49
C GLN C 152 -13.66 -30.49 -23.72
N ALA C 153 -14.90 -30.95 -23.72
CA ALA C 153 -15.99 -30.23 -23.07
C ALA C 153 -16.55 -30.95 -21.85
N GLU C 154 -16.42 -32.27 -21.78
CA GLU C 154 -17.01 -33.04 -20.69
C GLU C 154 -15.97 -33.40 -19.63
N VAL C 155 -16.43 -33.60 -18.42
CA VAL C 155 -15.57 -33.99 -17.32
C VAL C 155 -15.68 -35.51 -17.12
N VAL C 156 -14.74 -36.07 -16.36
CA VAL C 156 -14.65 -37.51 -16.16
C VAL C 156 -14.79 -37.78 -14.67
N SER C 157 -15.68 -38.70 -14.31
CA SER C 157 -15.89 -39.14 -12.95
C SER C 157 -16.12 -40.64 -12.91
N TYR C 158 -15.92 -41.23 -11.73
CA TYR C 158 -16.07 -42.67 -11.58
C TYR C 158 -17.54 -43.07 -11.74
N VAL C 159 -17.74 -44.31 -12.18
CA VAL C 159 -19.08 -44.86 -12.36
C VAL C 159 -19.34 -45.89 -11.27
N PHE C 160 -20.60 -46.35 -11.17
CA PHE C 160 -20.99 -47.30 -10.14
C PHE C 160 -20.40 -48.67 -10.44
N LYS C 161 -19.95 -49.33 -9.38
CA LYS C 161 -19.33 -50.66 -9.47
C LYS C 161 -19.91 -51.54 -8.38
N ASP C 162 -20.05 -52.84 -8.67
CA ASP C 162 -20.62 -53.78 -7.72
C ASP C 162 -19.54 -54.23 -6.73
N THR C 163 -19.94 -55.05 -5.76
CA THR C 163 -19.03 -55.57 -4.74
C THR C 163 -18.51 -56.96 -5.09
N VAL C 164 -18.49 -57.31 -6.37
CA VAL C 164 -18.04 -58.62 -6.83
C VAL C 164 -16.58 -58.47 -7.28
N LYS C 165 -15.90 -59.60 -7.45
CA LYS C 165 -14.48 -59.57 -7.79
C LYS C 165 -14.25 -58.92 -9.15
N VAL C 166 -13.00 -58.61 -9.43
CA VAL C 166 -12.59 -57.87 -10.63
C VAL C 166 -11.82 -58.86 -11.49
N GLU C 167 -12.28 -60.12 -11.47
CA GLU C 167 -11.61 -61.28 -12.06
C GLU C 167 -10.86 -60.97 -13.35
N GLU C 168 -9.59 -61.40 -13.40
CA GLU C 168 -8.71 -61.14 -14.54
C GLU C 168 -9.31 -61.65 -15.86
N GLU D 3 -35.88 11.33 6.18
CA GLU D 3 -35.43 10.01 5.80
C GLU D 3 -34.18 10.07 4.93
N ALA D 4 -33.40 9.00 4.92
CA ALA D 4 -32.21 8.92 4.09
C ALA D 4 -32.54 8.29 2.74
N LYS D 5 -31.75 8.65 1.73
CA LYS D 5 -31.94 8.14 0.38
C LYS D 5 -31.07 6.91 0.17
N LYS D 6 -31.68 5.81 -0.24
CA LYS D 6 -30.95 4.57 -0.48
C LYS D 6 -30.29 4.61 -1.86
N GLY D 7 -29.34 3.70 -2.05
CA GLY D 7 -28.64 3.59 -3.31
C GLY D 7 -29.34 2.79 -4.38
N ILE D 8 -30.39 2.04 -4.01
CA ILE D 8 -31.12 1.23 -4.97
C ILE D 8 -32.00 2.06 -5.90
N ASP D 9 -32.25 3.33 -5.54
CA ASP D 9 -33.16 4.17 -6.29
C ASP D 9 -32.52 4.86 -7.50
N VAL D 10 -31.24 4.60 -7.77
CA VAL D 10 -30.53 5.22 -8.88
C VAL D 10 -30.19 4.14 -9.90
N ILE D 11 -30.62 4.33 -11.14
CA ILE D 11 -30.36 3.38 -12.22
C ILE D 11 -29.82 4.14 -13.43
N LEU D 12 -29.35 3.38 -14.41
CA LEU D 12 -28.75 3.92 -15.63
C LEU D 12 -29.43 3.32 -16.84
N LEU D 13 -29.46 4.08 -17.94
CA LEU D 13 -29.95 3.60 -19.22
C LEU D 13 -28.93 3.92 -20.31
N TYR D 14 -28.96 3.11 -21.38
CA TYR D 14 -28.05 3.27 -22.50
C TYR D 14 -28.81 3.16 -23.81
N ARG D 15 -28.24 3.78 -24.84
CA ARG D 15 -28.64 3.57 -26.23
C ARG D 15 -27.65 4.28 -27.13
N VAL D 16 -27.46 3.75 -28.34
CA VAL D 16 -26.48 4.28 -29.26
C VAL D 16 -27.09 5.42 -30.06
N LEU D 17 -26.26 6.40 -30.43
CA LEU D 17 -26.76 7.59 -31.11
C LEU D 17 -27.37 7.27 -32.47
N LYS D 18 -26.73 6.40 -33.25
CA LYS D 18 -27.21 6.11 -34.60
C LYS D 18 -28.49 5.28 -34.61
N ASN D 19 -28.91 4.73 -33.47
CA ASN D 19 -30.16 4.00 -33.36
C ASN D 19 -31.26 4.81 -32.68
N GLU D 20 -31.22 6.14 -32.80
CA GLU D 20 -32.20 6.99 -32.13
C GLU D 20 -33.59 6.89 -32.74
N ALA D 21 -33.70 6.44 -33.99
CA ALA D 21 -35.00 6.38 -34.64
C ALA D 21 -35.65 5.01 -34.53
N LYS D 22 -34.86 3.95 -34.52
CA LYS D 22 -35.40 2.59 -34.54
C LYS D 22 -35.63 2.01 -33.15
N GLU D 23 -34.72 2.27 -32.21
CA GLU D 23 -34.78 1.69 -30.87
C GLU D 23 -34.87 2.77 -29.81
N ALA D 24 -35.69 2.50 -28.79
CA ALA D 24 -35.83 3.38 -27.64
C ALA D 24 -34.77 3.03 -26.61
N ALA D 25 -34.81 3.69 -25.45
CA ALA D 25 -33.85 3.42 -24.39
C ALA D 25 -34.07 2.03 -23.80
N TRP D 26 -32.97 1.40 -23.41
CA TRP D 26 -33.02 0.06 -22.82
C TRP D 26 -32.21 0.05 -21.53
N LYS D 27 -32.70 -0.70 -20.55
CA LYS D 27 -32.05 -0.82 -19.25
C LYS D 27 -31.20 -2.08 -19.22
N MET D 28 -29.94 -1.93 -18.79
CA MET D 28 -29.06 -3.09 -18.73
C MET D 28 -29.50 -4.01 -17.58
N ALA D 29 -29.23 -5.30 -17.73
CA ALA D 29 -29.93 -6.32 -16.97
C ALA D 29 -29.68 -6.26 -15.46
N PHE D 30 -28.43 -6.41 -15.04
CA PHE D 30 -28.13 -6.44 -13.61
C PHE D 30 -27.21 -5.30 -13.22
N GLN D 31 -27.66 -4.46 -12.31
CA GLN D 31 -26.87 -3.34 -11.81
C GLN D 31 -26.29 -3.69 -10.44
N THR D 32 -25.03 -3.27 -10.23
CA THR D 32 -24.40 -3.45 -8.94
C THR D 32 -24.08 -2.11 -8.30
N GLU D 33 -23.34 -1.26 -9.02
CA GLU D 33 -22.97 0.07 -8.53
C GLU D 33 -22.40 0.85 -9.70
N HIS D 34 -22.22 2.16 -9.48
CA HIS D 34 -21.56 3.02 -10.44
C HIS D 34 -21.03 4.24 -9.69
N SER D 35 -20.08 4.93 -10.32
CA SER D 35 -19.43 6.09 -9.72
C SER D 35 -19.55 7.27 -10.66
N ASN D 36 -20.18 8.34 -10.18
CA ASN D 36 -20.33 9.58 -10.93
C ASN D 36 -19.65 10.69 -10.15
N GLY D 37 -18.52 11.16 -10.64
CA GLY D 37 -17.77 12.19 -9.95
C GLY D 37 -17.13 13.21 -10.88
N LYS D 38 -17.38 14.48 -10.62
CA LYS D 38 -16.82 15.58 -11.39
C LYS D 38 -15.87 16.39 -10.52
N SER D 39 -14.83 16.94 -11.15
CA SER D 39 -13.80 17.65 -10.42
C SER D 39 -13.23 18.76 -11.28
N ARG D 40 -12.56 19.70 -10.62
CA ARG D 40 -11.91 20.83 -11.27
C ARG D 40 -10.50 20.99 -10.71
N ASP D 41 -9.66 21.69 -11.45
CA ASP D 41 -8.29 21.94 -11.06
C ASP D 41 -8.11 23.40 -10.70
N ALA D 42 -7.58 23.65 -9.50
CA ALA D 42 -7.40 25.00 -8.98
C ALA D 42 -5.91 25.24 -8.75
N ASP D 43 -5.33 26.13 -9.54
CA ASP D 43 -3.94 26.54 -9.37
C ASP D 43 -3.85 28.00 -8.94
N SER D 44 -2.72 28.37 -8.34
CA SER D 44 -2.53 29.72 -7.83
C SER D 44 -1.30 30.36 -8.48
N THR D 45 -1.46 31.59 -8.95
CA THR D 45 -0.37 32.37 -9.48
C THR D 45 -0.05 33.51 -8.52
N ALA D 46 1.22 33.66 -8.16
CA ALA D 46 1.61 34.65 -7.18
C ALA D 46 2.11 35.92 -7.86
N THR D 47 1.61 37.07 -7.40
CA THR D 47 2.07 38.36 -7.87
C THR D 47 2.27 39.28 -6.67
N LYS D 48 2.81 40.46 -6.94
CA LYS D 48 3.19 41.38 -5.86
C LYS D 48 1.99 41.99 -5.16
N ASP D 49 0.78 41.86 -5.71
CA ASP D 49 -0.42 42.40 -5.11
C ASP D 49 -1.22 41.37 -4.32
N GLY D 50 -0.98 40.08 -4.56
CA GLY D 50 -1.66 39.04 -3.83
C GLY D 50 -1.97 37.83 -4.70
N PRO D 51 -2.38 36.73 -4.09
CA PRO D 51 -2.70 35.53 -4.86
C PRO D 51 -3.93 35.71 -5.74
N ILE D 52 -3.90 35.06 -6.90
CA ILE D 52 -5.01 35.06 -7.85
C ILE D 52 -5.38 33.62 -8.14
N GLN D 53 -6.69 33.35 -8.25
CA GLN D 53 -7.21 32.01 -8.45
C GLN D 53 -7.72 31.87 -9.87
N ASN D 54 -7.26 30.84 -10.57
CA ASN D 54 -7.70 30.54 -11.93
C ASN D 54 -8.24 29.12 -11.95
N MET D 55 -9.41 28.94 -12.55
CA MET D 55 -10.08 27.65 -12.59
C MET D 55 -10.07 27.11 -14.02
N ALA D 56 -9.92 25.79 -14.15
CA ALA D 56 -9.79 25.15 -15.45
C ALA D 56 -11.10 24.44 -15.82
N ALA D 57 -11.07 23.70 -16.93
CA ALA D 57 -12.26 23.03 -17.43
C ALA D 57 -12.62 21.85 -16.54
N ILE D 58 -13.87 21.41 -16.64
CA ILE D 58 -14.41 20.32 -15.83
C ILE D 58 -13.94 19.00 -16.40
N GLU D 59 -13.48 18.11 -15.52
CA GLU D 59 -13.06 16.77 -15.90
C GLU D 59 -13.97 15.75 -15.21
N TYR D 60 -14.48 14.82 -16.01
CA TYR D 60 -15.43 13.83 -15.54
C TYR D 60 -14.75 12.50 -15.25
N ASP D 61 -15.31 11.79 -14.27
CA ASP D 61 -14.87 10.44 -13.90
C ASP D 61 -16.11 9.57 -13.80
N PHE D 62 -16.30 8.68 -14.76
CA PHE D 62 -17.49 7.85 -14.84
C PHE D 62 -17.10 6.38 -14.87
N SER D 63 -17.95 5.53 -14.30
CA SER D 63 -17.68 4.09 -14.26
C SER D 63 -18.98 3.35 -14.05
N ALA D 64 -18.95 2.05 -14.35
CA ALA D 64 -20.11 1.19 -14.14
C ALA D 64 -19.64 -0.23 -13.85
N THR D 65 -20.44 -0.95 -13.07
CA THR D 65 -20.18 -2.35 -12.74
C THR D 65 -21.48 -3.13 -12.82
N SER D 66 -21.41 -4.35 -13.35
CA SER D 66 -22.59 -5.14 -13.59
C SER D 66 -22.23 -6.62 -13.57
N ILE D 67 -23.27 -7.46 -13.67
CA ILE D 67 -23.12 -8.91 -13.73
C ILE D 67 -23.72 -9.38 -15.05
N VAL D 68 -22.92 -10.10 -15.83
CA VAL D 68 -23.35 -10.49 -17.17
C VAL D 68 -24.47 -11.52 -17.07
N ALA D 69 -25.52 -11.31 -17.86
CA ALA D 69 -26.66 -12.22 -17.93
C ALA D 69 -26.49 -13.16 -19.12
N VAL D 70 -27.20 -14.29 -19.07
CA VAL D 70 -27.10 -15.30 -20.11
C VAL D 70 -28.20 -15.07 -21.14
N GLY D 71 -27.82 -15.04 -22.42
CA GLY D 71 -28.77 -14.78 -23.48
C GLY D 71 -28.92 -13.31 -23.78
N ASP D 72 -27.95 -12.52 -23.35
CA ASP D 72 -27.99 -11.06 -23.48
C ASP D 72 -27.26 -10.64 -24.75
N LYS D 73 -27.92 -9.81 -25.56
CA LYS D 73 -27.36 -9.31 -26.80
C LYS D 73 -26.82 -7.90 -26.65
N HIS D 74 -27.31 -7.13 -25.68
CA HIS D 74 -26.98 -5.71 -25.57
C HIS D 74 -25.49 -5.47 -25.37
N ILE D 75 -24.81 -6.35 -24.62
CA ILE D 75 -23.38 -6.18 -24.38
C ILE D 75 -22.60 -6.22 -25.69
N ASP D 76 -23.04 -7.06 -26.64
CA ASP D 76 -22.41 -7.06 -27.96
C ASP D 76 -22.55 -5.72 -28.66
N GLU D 77 -23.69 -5.05 -28.47
CA GLU D 77 -23.86 -3.72 -29.06
C GLU D 77 -22.84 -2.73 -28.48
N LEU D 78 -22.63 -2.77 -27.16
CA LEU D 78 -21.64 -1.88 -26.56
C LEU D 78 -20.24 -2.20 -27.04
N ASP D 79 -19.91 -3.49 -27.17
CA ASP D 79 -18.59 -3.87 -27.67
C ASP D 79 -18.38 -3.40 -29.12
N ASP D 80 -19.40 -3.56 -29.97
CA ASP D 80 -19.29 -3.08 -31.35
C ASP D 80 -19.18 -1.56 -31.41
N ALA D 81 -19.92 -0.86 -30.54
CA ALA D 81 -19.79 0.60 -30.49
C ALA D 81 -18.40 1.04 -30.02
N PHE D 82 -17.80 0.31 -29.08
CA PHE D 82 -16.43 0.59 -28.67
C PHE D 82 -15.42 0.32 -29.78
N ASP D 83 -15.58 -0.78 -30.52
CA ASP D 83 -14.65 -1.10 -31.58
C ASP D 83 -14.77 -0.19 -32.79
N ASN D 84 -15.81 0.64 -32.87
CA ASN D 84 -16.01 1.52 -34.00
C ASN D 84 -16.12 3.00 -33.65
N SER D 85 -15.90 3.36 -32.38
CA SER D 85 -15.93 4.75 -31.94
C SER D 85 -17.27 5.43 -32.22
N GLU D 86 -18.34 4.89 -31.67
CA GLU D 86 -19.67 5.47 -31.80
C GLU D 86 -20.10 6.11 -30.49
N LEU D 87 -20.90 7.18 -30.60
CA LEU D 87 -21.37 7.92 -29.44
C LEU D 87 -22.45 7.13 -28.71
N VAL D 88 -22.39 7.14 -27.38
CA VAL D 88 -23.32 6.41 -26.54
C VAL D 88 -24.03 7.40 -25.62
N GLU D 89 -25.35 7.28 -25.55
CA GLU D 89 -26.18 8.12 -24.70
C GLU D 89 -26.35 7.44 -23.35
N ILE D 90 -26.22 8.21 -22.27
CA ILE D 90 -26.30 7.70 -20.91
C ILE D 90 -27.30 8.54 -20.13
N TRP D 91 -28.16 7.87 -19.37
CA TRP D 91 -29.13 8.52 -18.50
C TRP D 91 -28.91 8.06 -17.06
N GLU D 92 -29.11 8.97 -16.11
CA GLU D 92 -29.09 8.64 -14.69
C GLU D 92 -30.40 9.13 -14.08
N ILE D 93 -31.24 8.20 -13.65
CA ILE D 93 -32.59 8.50 -13.21
C ILE D 93 -32.76 8.13 -11.74
N ASP D 94 -33.42 9.01 -11.00
CA ASP D 94 -33.75 8.78 -9.60
C ASP D 94 -35.19 8.32 -9.48
N LYS D 95 -35.42 7.29 -8.67
CA LYS D 95 -36.76 6.74 -8.47
C LYS D 95 -37.47 7.30 -7.24
N ALA D 96 -36.87 8.26 -6.54
CA ALA D 96 -37.47 8.82 -5.33
C ALA D 96 -38.11 10.18 -5.55
N GLU D 97 -37.59 10.98 -6.47
CA GLU D 97 -38.10 12.33 -6.71
C GLU D 97 -39.01 12.29 -7.93
N LYS D 98 -40.31 12.42 -7.71
CA LYS D 98 -41.28 12.44 -8.80
C LYS D 98 -41.55 13.88 -9.24
N GLY D 99 -42.18 14.01 -10.40
CA GLY D 99 -42.45 15.31 -10.99
C GLY D 99 -43.76 15.91 -10.51
N THR D 100 -43.81 17.24 -10.58
CA THR D 100 -44.99 18.00 -10.17
C THR D 100 -45.92 18.27 -11.36
N ASP D 101 -46.89 19.16 -11.14
CA ASP D 101 -47.84 19.68 -12.13
C ASP D 101 -47.72 19.13 -13.55
N LYS D 102 -47.08 19.86 -14.46
CA LYS D 102 -47.06 19.51 -15.88
C LYS D 102 -46.33 18.21 -16.16
N ASP D 103 -45.44 17.79 -15.25
CA ASP D 103 -44.58 16.64 -15.49
C ASP D 103 -44.84 15.57 -14.43
N VAL D 104 -46.12 15.30 -14.19
CA VAL D 104 -46.52 14.24 -13.25
C VAL D 104 -46.10 12.89 -13.84
N ASP D 105 -45.66 11.98 -12.96
CA ASP D 105 -45.22 10.64 -13.33
C ASP D 105 -43.93 10.68 -14.15
N LYS D 106 -43.14 11.74 -13.96
CA LYS D 106 -41.80 11.84 -14.51
C LYS D 106 -40.79 11.93 -13.37
N TYR D 107 -39.57 11.45 -13.65
CA TYR D 107 -38.52 11.39 -12.66
C TYR D 107 -37.39 12.35 -13.02
N LYS D 108 -36.63 12.74 -12.00
CA LYS D 108 -35.48 13.62 -12.17
C LYS D 108 -34.33 12.84 -12.79
N ALA D 109 -33.73 13.41 -13.83
CA ALA D 109 -32.72 12.68 -14.60
C ALA D 109 -31.68 13.66 -15.13
N THR D 110 -30.55 13.11 -15.55
CA THR D 110 -29.48 13.86 -16.20
C THR D 110 -29.10 13.14 -17.49
N TYR D 111 -28.60 13.88 -18.47
CA TYR D 111 -28.35 13.36 -19.80
C TYR D 111 -26.90 13.60 -20.19
N PHE D 112 -26.21 12.55 -20.64
CA PHE D 112 -24.82 12.63 -21.06
C PHE D 112 -24.64 11.96 -22.41
N GLN D 113 -23.62 12.40 -23.14
CA GLN D 113 -23.16 11.74 -24.35
C GLN D 113 -21.64 11.61 -24.28
N GLY D 114 -21.13 10.41 -24.56
CA GLY D 114 -19.71 10.15 -24.46
C GLY D 114 -19.29 8.94 -25.26
N TYR D 115 -18.01 8.62 -25.14
CA TYR D 115 -17.40 7.48 -25.82
C TYR D 115 -17.12 6.37 -24.80
N VAL D 116 -16.94 5.16 -25.32
CA VAL D 116 -16.49 4.04 -24.50
C VAL D 116 -14.97 3.94 -24.59
N SER D 117 -14.31 3.83 -23.44
CA SER D 117 -12.86 3.85 -23.42
C SER D 117 -12.26 2.62 -22.77
N SER D 118 -13.03 1.92 -21.95
CA SER D 118 -12.55 0.71 -21.30
C SER D 118 -13.63 -0.37 -21.33
N PHE D 119 -13.20 -1.62 -21.45
CA PHE D 119 -14.12 -2.76 -21.51
C PHE D 119 -13.35 -3.99 -21.05
N SER D 120 -13.55 -4.40 -19.79
CA SER D 120 -12.78 -5.49 -19.21
C SER D 120 -13.68 -6.42 -18.42
N LYS D 121 -13.26 -7.68 -18.32
CA LYS D 121 -13.96 -8.67 -17.52
C LYS D 121 -13.00 -9.82 -17.22
N THR D 122 -13.07 -10.32 -16.00
CA THR D 122 -12.18 -11.37 -15.53
C THR D 122 -12.99 -12.56 -15.02
N PRO D 123 -13.06 -13.67 -15.76
CA PRO D 123 -13.79 -14.84 -15.27
C PRO D 123 -12.97 -15.68 -14.29
N ASN D 124 -13.55 -16.01 -13.14
CA ASN D 124 -12.94 -16.86 -12.15
C ASN D 124 -13.52 -18.27 -12.26
N SER D 125 -13.17 -19.13 -11.31
CA SER D 125 -13.63 -20.51 -11.31
C SER D 125 -14.81 -20.76 -10.37
N GLU D 126 -15.15 -19.79 -9.51
CA GLU D 126 -16.26 -19.98 -8.58
C GLU D 126 -17.09 -18.71 -8.41
N ASP D 127 -16.84 -17.68 -9.23
CA ASP D 127 -17.59 -16.43 -9.16
C ASP D 127 -18.25 -16.16 -10.51
N ALA D 128 -19.32 -15.38 -10.48
CA ALA D 128 -20.01 -14.98 -11.69
C ALA D 128 -19.24 -13.88 -12.40
N LEU D 129 -19.49 -13.76 -13.70
CA LEU D 129 -18.82 -12.75 -14.50
C LEU D 129 -19.25 -11.35 -14.10
N GLU D 130 -18.28 -10.43 -14.03
CA GLU D 130 -18.53 -9.03 -13.77
C GLU D 130 -17.89 -8.20 -14.87
N LEU D 131 -18.62 -7.19 -15.35
CA LEU D 131 -18.19 -6.35 -16.45
C LEU D 131 -17.99 -4.93 -15.96
N GLU D 132 -16.84 -4.34 -16.28
CA GLU D 132 -16.50 -2.98 -15.90
C GLU D 132 -16.38 -2.12 -17.15
N ILE D 133 -17.09 -0.99 -17.17
CA ILE D 133 -17.11 -0.08 -18.30
C ILE D 133 -16.78 1.31 -17.80
N GLU D 134 -15.93 2.03 -18.55
CA GLU D 134 -15.57 3.41 -18.24
C GLU D 134 -15.88 4.26 -19.46
N PHE D 135 -16.47 5.43 -19.22
CA PHE D 135 -16.87 6.34 -20.29
C PHE D 135 -16.03 7.62 -20.26
N ALA D 136 -15.94 8.25 -21.43
CA ALA D 136 -15.31 9.56 -21.58
C ALA D 136 -16.33 10.52 -22.14
N ILE D 137 -16.74 11.50 -21.32
CA ILE D 137 -17.87 12.37 -21.63
C ILE D 137 -17.38 13.62 -22.34
N ASN D 138 -18.16 14.08 -23.32
CA ASN D 138 -17.74 15.22 -24.14
C ASN D 138 -17.95 16.55 -23.41
N GLY D 139 -19.15 16.79 -22.91
CA GLY D 139 -19.48 18.09 -22.33
C GLY D 139 -20.30 17.96 -21.07
N ILE D 140 -20.65 19.12 -20.50
CA ILE D 140 -21.38 19.15 -19.24
C ILE D 140 -22.75 18.51 -19.41
N GLY D 141 -23.12 17.67 -18.44
CA GLY D 141 -24.43 17.06 -18.43
C GLY D 141 -25.53 18.05 -18.15
N GLN D 142 -26.71 17.77 -18.70
CA GLN D 142 -27.86 18.66 -18.58
C GLN D 142 -28.93 18.02 -17.70
N LYS D 143 -29.60 18.86 -16.92
CA LYS D 143 -30.63 18.41 -16.00
C LYS D 143 -32.01 18.53 -16.64
N GLY D 144 -32.84 17.51 -16.43
CA GLY D 144 -34.18 17.51 -16.96
C GLY D 144 -35.04 16.41 -16.36
N TYR D 145 -36.24 16.21 -16.91
CA TYR D 145 -37.13 15.17 -16.47
C TYR D 145 -37.33 14.15 -17.59
N ALA D 146 -37.29 12.88 -17.22
CA ALA D 146 -37.38 11.77 -18.16
C ALA D 146 -38.50 10.82 -17.75
N THR D 147 -38.98 10.05 -18.72
CA THR D 147 -40.06 9.10 -18.50
C THR D 147 -39.53 7.68 -18.45
N LEU D 148 -39.93 6.95 -17.42
CA LEU D 148 -39.52 5.57 -17.23
C LEU D 148 -40.76 4.68 -17.30
N THR D 149 -40.68 3.62 -18.12
CA THR D 149 -41.81 2.74 -18.32
C THR D 149 -42.07 1.89 -17.08
N THR D 150 -43.28 1.33 -17.01
CA THR D 150 -43.69 0.51 -15.88
C THR D 150 -42.88 -0.78 -15.78
N ASP D 151 -42.57 -1.42 -16.90
CA ASP D 151 -41.81 -2.67 -16.90
C ASP D 151 -40.39 -2.48 -16.39
N GLN D 152 -39.76 -1.35 -16.64
CA GLN D 152 -38.38 -1.13 -16.23
C GLN D 152 -38.24 -0.65 -14.80
N ALA D 153 -39.35 -0.38 -14.10
CA ALA D 153 -39.30 0.15 -12.75
C ALA D 153 -39.68 -0.85 -11.67
N GLU D 154 -40.45 -1.88 -12.01
CA GLU D 154 -40.95 -2.82 -11.01
C GLU D 154 -40.17 -4.13 -11.05
N VAL D 155 -40.16 -4.82 -9.92
CA VAL D 155 -39.51 -6.11 -9.81
C VAL D 155 -40.56 -7.21 -9.97
N VAL D 156 -40.10 -8.43 -10.19
CA VAL D 156 -40.98 -9.58 -10.46
C VAL D 156 -40.72 -10.63 -9.40
N SER D 157 -41.81 -11.11 -8.77
CA SER D 157 -41.74 -12.17 -7.78
C SER D 157 -42.89 -13.14 -7.99
N TYR D 158 -42.75 -14.34 -7.44
CA TYR D 158 -43.77 -15.36 -7.60
C TYR D 158 -45.02 -15.00 -6.82
N VAL D 159 -46.15 -15.57 -7.25
CA VAL D 159 -47.44 -15.33 -6.62
C VAL D 159 -47.90 -16.59 -5.90
N PHE D 160 -48.98 -16.48 -5.13
CA PHE D 160 -49.50 -17.60 -4.35
C PHE D 160 -50.16 -18.63 -5.25
N LYS D 161 -49.94 -19.91 -4.95
CA LYS D 161 -50.52 -21.02 -5.69
C LYS D 161 -51.13 -22.00 -4.70
N ASP D 162 -52.23 -22.64 -5.11
CA ASP D 162 -52.90 -23.62 -4.27
C ASP D 162 -52.20 -24.97 -4.40
N THR D 163 -52.72 -25.98 -3.71
CA THR D 163 -52.18 -27.33 -3.75
C THR D 163 -52.89 -28.22 -4.75
N VAL D 164 -53.65 -27.63 -5.67
CA VAL D 164 -54.36 -28.38 -6.71
C VAL D 164 -53.43 -28.51 -7.90
N LYS D 165 -53.71 -29.45 -8.79
CA LYS D 165 -52.83 -29.71 -9.93
C LYS D 165 -52.84 -28.54 -10.90
N VAL D 166 -52.03 -28.69 -11.96
CA VAL D 166 -51.79 -27.62 -12.94
C VAL D 166 -52.41 -28.05 -14.26
N GLU D 167 -53.54 -28.77 -14.16
CA GLU D 167 -54.18 -29.50 -15.26
C GLU D 167 -54.08 -28.80 -16.61
N GLU D 168 -53.65 -29.56 -17.62
CA GLU D 168 -53.42 -29.04 -18.97
C GLU D 168 -54.67 -28.40 -19.56
N GLU E 3 -12.51 18.40 31.28
CA GLU E 3 -12.87 17.22 30.49
C GLU E 3 -12.47 17.41 29.03
N ALA E 4 -12.71 16.37 28.23
CA ALA E 4 -12.36 16.40 26.82
C ALA E 4 -13.50 16.96 25.98
N LYS E 5 -13.15 17.38 24.77
CA LYS E 5 -14.12 17.95 23.83
C LYS E 5 -14.48 16.91 22.78
N LYS E 6 -15.77 16.64 22.64
CA LYS E 6 -16.24 15.68 21.65
C LYS E 6 -16.28 16.33 20.26
N GLY E 7 -16.37 15.49 19.24
CA GLY E 7 -16.46 15.96 17.87
C GLY E 7 -17.85 16.33 17.41
N ILE E 8 -18.88 15.96 18.17
CA ILE E 8 -20.26 16.27 17.79
C ILE E 8 -20.58 17.75 17.93
N ASP E 9 -19.75 18.50 18.64
CA ASP E 9 -20.03 19.90 18.95
C ASP E 9 -19.61 20.86 17.84
N VAL E 10 -19.07 20.36 16.72
CA VAL E 10 -18.62 21.20 15.63
C VAL E 10 -19.52 20.96 14.42
N ILE E 11 -20.11 22.03 13.90
CA ILE E 11 -21.01 21.95 12.75
C ILE E 11 -20.58 22.99 11.72
N LEU E 12 -21.16 22.88 10.52
CA LEU E 12 -20.85 23.76 9.40
C LEU E 12 -22.13 24.38 8.85
N LEU E 13 -22.02 25.58 8.30
CA LEU E 13 -23.10 26.26 7.62
C LEU E 13 -22.64 26.76 6.26
N TYR E 14 -23.57 26.81 5.31
CA TYR E 14 -23.28 27.28 3.96
C TYR E 14 -24.31 28.31 3.53
N ARG E 15 -23.91 29.14 2.56
CA ARG E 15 -24.80 30.04 1.85
C ARG E 15 -24.02 30.67 0.71
N VAL E 16 -24.73 30.99 -0.37
CA VAL E 16 -24.10 31.51 -1.58
C VAL E 16 -23.96 33.03 -1.45
N LEU E 17 -22.89 33.57 -2.03
CA LEU E 17 -22.61 35.00 -1.90
C LEU E 17 -23.69 35.86 -2.52
N LYS E 18 -24.18 35.50 -3.72
CA LYS E 18 -25.16 36.31 -4.41
C LYS E 18 -26.53 36.28 -3.76
N ASN E 19 -26.77 35.37 -2.81
CA ASN E 19 -28.01 35.32 -2.06
C ASN E 19 -27.88 35.88 -0.65
N GLU E 20 -26.96 36.82 -0.44
CA GLU E 20 -26.72 37.37 0.89
C GLU E 20 -27.88 38.23 1.39
N ALA E 21 -28.70 38.76 0.50
CA ALA E 21 -29.78 39.66 0.90
C ALA E 21 -31.11 38.93 1.06
N LYS E 22 -31.35 37.89 0.25
CA LYS E 22 -32.63 37.19 0.28
C LYS E 22 -32.68 36.05 1.29
N GLU E 23 -31.59 35.32 1.45
CA GLU E 23 -31.56 34.14 2.30
C GLU E 23 -30.54 34.29 3.41
N ALA E 24 -30.85 33.68 4.56
CA ALA E 24 -29.93 33.60 5.68
C ALA E 24 -29.12 32.30 5.57
N ALA E 25 -28.31 32.01 6.58
CA ALA E 25 -27.51 30.81 6.58
C ALA E 25 -28.39 29.57 6.74
N TRP E 26 -27.95 28.47 6.14
CA TRP E 26 -28.69 27.21 6.23
C TRP E 26 -27.73 26.09 6.59
N LYS E 27 -28.21 25.15 7.40
CA LYS E 27 -27.41 24.03 7.87
C LYS E 27 -27.70 22.80 7.00
N MET E 28 -26.64 22.06 6.67
CA MET E 28 -26.82 20.82 5.94
C MET E 28 -27.57 19.80 6.78
N ALA E 29 -28.25 18.87 6.10
CA ALA E 29 -29.17 17.97 6.78
C ALA E 29 -28.46 16.98 7.70
N PHE E 30 -27.62 16.12 7.15
CA PHE E 30 -26.94 15.12 7.97
C PHE E 30 -25.43 15.28 7.87
N GLN E 31 -24.79 15.49 9.01
CA GLN E 31 -23.34 15.63 9.07
C GLN E 31 -22.70 14.32 9.53
N THR E 32 -21.57 14.00 8.92
CA THR E 32 -20.82 12.82 9.34
C THR E 32 -19.45 13.21 9.87
N GLU E 33 -18.67 13.96 9.09
CA GLU E 33 -17.36 14.43 9.50
C GLU E 33 -16.87 15.46 8.50
N HIS E 34 -15.78 16.15 8.84
CA HIS E 34 -15.11 17.07 7.94
C HIS E 34 -13.68 17.22 8.41
N SER E 35 -12.83 17.69 7.49
CA SER E 35 -11.40 17.84 7.76
C SER E 35 -10.99 19.27 7.47
N ASN E 36 -10.45 19.95 8.49
CA ASN E 36 -9.95 21.32 8.35
C ASN E 36 -8.48 21.33 8.74
N GLY E 37 -7.61 21.52 7.75
CA GLY E 37 -6.19 21.52 8.01
C GLY E 37 -5.42 22.52 7.17
N LYS E 38 -4.59 23.31 7.81
CA LYS E 38 -3.75 24.31 7.14
C LYS E 38 -2.29 23.94 7.31
N SER E 39 -1.50 24.25 6.28
CA SER E 39 -0.10 23.85 6.27
C SER E 39 0.72 24.91 5.56
N ARG E 40 2.03 24.84 5.78
CA ARG E 40 2.99 25.76 5.18
C ARG E 40 4.19 24.96 4.69
N ASP E 41 4.88 25.52 3.70
CA ASP E 41 6.06 24.89 3.11
C ASP E 41 7.31 25.68 3.51
N ALA E 42 8.28 24.97 4.06
CA ALA E 42 9.52 25.57 4.55
C ALA E 42 10.69 24.97 3.77
N ASP E 43 11.43 25.84 3.08
CA ASP E 43 12.64 25.44 2.36
C ASP E 43 13.86 26.10 2.97
N SER E 44 15.01 25.42 2.88
CA SER E 44 16.25 25.91 3.45
C SER E 44 17.23 26.27 2.34
N THR E 45 17.77 27.49 2.43
CA THR E 45 18.80 27.95 1.51
C THR E 45 20.13 28.03 2.24
N ALA E 46 21.16 27.42 1.67
CA ALA E 46 22.45 27.34 2.33
C ALA E 46 23.40 28.41 1.80
N THR E 47 24.03 29.13 2.72
CA THR E 47 25.06 30.11 2.40
C THR E 47 26.24 29.90 3.32
N LYS E 48 27.34 30.62 3.04
CA LYS E 48 28.58 30.41 3.76
C LYS E 48 28.51 30.89 5.20
N ASP E 49 27.48 31.63 5.58
CA ASP E 49 27.33 32.12 6.95
C ASP E 49 26.40 31.26 7.79
N GLY E 50 25.55 30.44 7.16
CA GLY E 50 24.65 29.58 7.88
C GLY E 50 23.33 29.39 7.16
N PRO E 51 22.50 28.45 7.63
CA PRO E 51 21.21 28.21 7.00
C PRO E 51 20.22 29.34 7.24
N ILE E 52 19.45 29.65 6.20
CA ILE E 52 18.40 30.66 6.26
C ILE E 52 17.09 30.01 5.83
N GLN E 53 16.02 30.31 6.55
CA GLN E 53 14.72 29.69 6.33
C GLN E 53 13.74 30.73 5.81
N ASN E 54 13.06 30.41 4.70
CA ASN E 54 12.05 31.27 4.12
C ASN E 54 10.72 30.53 4.12
N MET E 55 9.67 31.21 4.57
CA MET E 55 8.34 30.61 4.67
C MET E 55 7.47 31.11 3.52
N ALA E 56 6.61 30.22 3.01
CA ALA E 56 5.78 30.50 1.87
C ALA E 56 4.34 30.78 2.32
N ALA E 57 3.44 30.96 1.36
CA ALA E 57 2.05 31.27 1.65
C ALA E 57 1.33 30.06 2.24
N ILE E 58 0.20 30.33 2.88
CA ILE E 58 -0.59 29.30 3.54
C ILE E 58 -1.40 28.54 2.51
N GLU E 59 -1.39 27.22 2.61
CA GLU E 59 -2.19 26.36 1.74
C GLU E 59 -3.21 25.62 2.58
N TYR E 60 -4.47 25.67 2.15
CA TYR E 60 -5.58 25.10 2.89
C TYR E 60 -5.97 23.74 2.31
N ASP E 61 -6.49 22.89 3.20
CA ASP E 61 -7.03 21.59 2.83
C ASP E 61 -8.38 21.45 3.53
N PHE E 62 -9.47 21.48 2.74
CA PHE E 62 -10.81 21.46 3.29
C PHE E 62 -11.60 20.32 2.64
N SER E 63 -12.51 19.74 3.40
CA SER E 63 -13.34 18.65 2.91
C SER E 63 -14.60 18.56 3.76
N ALA E 64 -15.62 17.91 3.22
CA ALA E 64 -16.86 17.69 3.92
C ALA E 64 -17.50 16.39 3.46
N THR E 65 -18.21 15.73 4.37
CA THR E 65 -18.91 14.50 4.09
C THR E 65 -20.30 14.55 4.72
N SER E 66 -21.30 14.02 4.01
CA SER E 66 -22.68 14.08 4.46
C SER E 66 -23.44 12.89 3.89
N ILE E 67 -24.70 12.77 4.31
CA ILE E 67 -25.61 11.75 3.81
C ILE E 67 -26.79 12.47 3.18
N VAL E 68 -27.07 12.15 1.92
CA VAL E 68 -28.12 12.85 1.18
C VAL E 68 -29.48 12.53 1.77
N ALA E 69 -30.30 13.55 1.95
CA ALA E 69 -31.66 13.41 2.44
C ALA E 69 -32.63 13.44 1.26
N VAL E 70 -33.83 12.91 1.48
CA VAL E 70 -34.84 12.83 0.43
C VAL E 70 -35.75 14.05 0.49
N GLY E 71 -35.87 14.76 -0.62
CA GLY E 71 -36.67 15.97 -0.67
C GLY E 71 -35.85 17.21 -0.41
N ASP E 72 -34.54 17.09 -0.51
CA ASP E 72 -33.62 18.17 -0.21
C ASP E 72 -33.36 18.99 -1.46
N LYS E 73 -33.49 20.32 -1.34
CA LYS E 73 -33.25 21.24 -2.44
C LYS E 73 -31.88 21.90 -2.37
N HIS E 74 -31.25 21.92 -1.20
CA HIS E 74 -30.01 22.67 -1.01
C HIS E 74 -28.86 22.13 -1.86
N ILE E 75 -28.77 20.80 -2.01
CA ILE E 75 -27.68 20.21 -2.77
C ILE E 75 -27.71 20.68 -4.22
N ASP E 76 -28.90 20.88 -4.78
CA ASP E 76 -29.00 21.42 -6.13
C ASP E 76 -28.42 22.83 -6.20
N GLU E 77 -28.57 23.63 -5.15
CA GLU E 77 -27.96 24.95 -5.14
C GLU E 77 -26.45 24.86 -5.19
N LEU E 78 -25.85 23.93 -4.42
CA LEU E 78 -24.41 23.75 -4.46
C LEU E 78 -23.95 23.26 -5.83
N ASP E 79 -24.68 22.35 -6.44
CA ASP E 79 -24.32 21.89 -7.78
C ASP E 79 -24.39 23.01 -8.81
N ASP E 80 -25.43 23.85 -8.74
CA ASP E 80 -25.52 25.00 -9.64
C ASP E 80 -24.39 25.98 -9.41
N ALA E 81 -24.04 26.24 -8.15
CA ALA E 81 -22.94 27.13 -7.85
C ALA E 81 -21.60 26.58 -8.34
N PHE E 82 -21.40 25.27 -8.26
CA PHE E 82 -20.20 24.65 -8.82
C PHE E 82 -20.15 24.74 -10.33
N ASP E 83 -21.28 24.52 -11.01
CA ASP E 83 -21.31 24.57 -12.47
C ASP E 83 -21.17 25.99 -13.02
N ASN E 84 -21.28 27.01 -12.17
CA ASN E 84 -21.20 28.40 -12.62
C ASN E 84 -20.11 29.21 -11.95
N SER E 85 -19.27 28.59 -11.12
CA SER E 85 -18.15 29.27 -10.46
C SER E 85 -18.60 30.43 -9.60
N GLU E 86 -19.46 30.16 -8.61
CA GLU E 86 -19.92 31.17 -7.67
C GLU E 86 -19.27 30.98 -6.31
N LEU E 87 -19.07 32.08 -5.61
CA LEU E 87 -18.44 32.05 -4.30
C LEU E 87 -19.38 31.50 -3.24
N VAL E 88 -18.85 30.69 -2.34
CA VAL E 88 -19.62 30.03 -1.29
C VAL E 88 -19.04 30.44 0.06
N GLU E 89 -19.92 30.83 0.98
CA GLU E 89 -19.54 31.20 2.34
C GLU E 89 -19.63 29.97 3.23
N ILE E 90 -18.62 29.77 4.07
CA ILE E 90 -18.55 28.62 4.96
C ILE E 90 -18.34 29.11 6.38
N TRP E 91 -19.10 28.54 7.32
CA TRP E 91 -18.96 28.82 8.74
C TRP E 91 -18.63 27.55 9.49
N GLU E 92 -17.76 27.65 10.48
CA GLU E 92 -17.44 26.55 11.39
C GLU E 92 -17.69 27.02 12.81
N ILE E 93 -18.69 26.45 13.46
CA ILE E 93 -19.16 26.93 14.77
C ILE E 93 -19.00 25.83 15.80
N ASP E 94 -18.54 26.21 16.99
CA ASP E 94 -18.41 25.33 18.13
C ASP E 94 -19.59 25.51 19.07
N LYS E 95 -20.14 24.40 19.55
CA LYS E 95 -21.29 24.43 20.46
C LYS E 95 -20.89 24.35 21.93
N ALA E 96 -19.60 24.33 22.24
CA ALA E 96 -19.15 24.21 23.63
C ALA E 96 -18.69 25.51 24.23
N GLU E 97 -18.13 26.42 23.44
CA GLU E 97 -17.61 27.69 23.94
C GLU E 97 -18.65 28.78 23.68
N LYS E 98 -19.32 29.22 24.73
CA LYS E 98 -20.32 30.28 24.63
C LYS E 98 -19.66 31.64 24.84
N GLY E 99 -20.39 32.69 24.47
CA GLY E 99 -19.89 34.04 24.55
C GLY E 99 -20.07 34.66 25.94
N THR E 100 -19.20 35.62 26.24
CA THR E 100 -19.22 36.33 27.51
C THR E 100 -20.05 37.61 27.42
N ASP E 101 -19.94 38.44 28.45
CA ASP E 101 -20.55 39.77 28.58
C ASP E 101 -21.36 40.27 27.39
N LYS E 102 -20.76 41.12 26.55
CA LYS E 102 -21.46 41.83 25.50
C LYS E 102 -22.09 40.88 24.47
N ASP E 103 -21.51 39.69 24.31
CA ASP E 103 -21.93 38.76 23.26
C ASP E 103 -22.35 37.43 23.87
N VAL E 104 -23.19 37.51 24.91
CA VAL E 104 -23.78 36.32 25.52
C VAL E 104 -24.70 35.66 24.51
N ASP E 105 -24.78 34.33 24.56
CA ASP E 105 -25.61 33.51 23.68
C ASP E 105 -25.06 33.53 22.25
N LYS E 106 -23.77 33.83 22.11
CA LYS E 106 -23.07 33.70 20.85
C LYS E 106 -21.96 32.66 20.98
N TYR E 107 -21.64 32.01 19.88
CA TYR E 107 -20.66 30.94 19.86
C TYR E 107 -19.40 31.37 19.10
N LYS E 108 -18.31 30.70 19.40
CA LYS E 108 -17.04 30.96 18.73
C LYS E 108 -17.06 30.32 17.35
N ALA E 109 -16.75 31.12 16.33
CA ALA E 109 -16.90 30.68 14.96
C ALA E 109 -15.71 31.16 14.13
N THR E 110 -15.60 30.61 12.92
CA THR E 110 -14.57 31.00 11.95
C THR E 110 -15.23 31.13 10.59
N TYR E 111 -14.82 32.13 9.83
CA TYR E 111 -15.51 32.50 8.60
C TYR E 111 -14.57 32.33 7.41
N PHE E 112 -15.07 31.71 6.35
CA PHE E 112 -14.31 31.48 5.13
C PHE E 112 -15.14 31.86 3.91
N GLN E 113 -14.44 32.13 2.81
CA GLN E 113 -15.03 32.25 1.48
C GLN E 113 -14.16 31.50 0.49
N GLY E 114 -14.78 30.69 -0.36
CA GLY E 114 -14.04 29.88 -1.30
C GLY E 114 -14.91 29.38 -2.44
N TYR E 115 -14.29 28.60 -3.31
CA TYR E 115 -14.94 27.99 -4.47
C TYR E 115 -15.18 26.52 -4.23
N VAL E 116 -16.06 25.93 -5.03
CA VAL E 116 -16.26 24.47 -5.02
C VAL E 116 -15.40 23.86 -6.12
N SER E 117 -14.65 22.82 -5.77
CA SER E 117 -13.71 22.24 -6.73
C SER E 117 -13.98 20.76 -7.00
N SER E 118 -14.65 20.08 -6.07
CA SER E 118 -14.97 18.67 -6.27
C SER E 118 -16.41 18.40 -5.82
N PHE E 119 -17.05 17.45 -6.50
CA PHE E 119 -18.43 17.08 -6.21
C PHE E 119 -18.64 15.66 -6.71
N SER E 120 -18.61 14.69 -5.79
CA SER E 120 -18.68 13.29 -6.17
C SER E 120 -19.61 12.53 -5.23
N LYS E 121 -20.19 11.45 -5.74
CA LYS E 121 -21.02 10.56 -4.95
C LYS E 121 -21.10 9.21 -5.66
N THR E 122 -21.07 8.15 -4.85
CA THR E 122 -21.06 6.78 -5.37
C THR E 122 -22.20 5.98 -4.75
N PRO E 123 -23.28 5.71 -5.50
CA PRO E 123 -24.37 4.89 -4.94
C PRO E 123 -24.07 3.40 -5.02
N ASN E 124 -24.24 2.69 -3.91
CA ASN E 124 -24.06 1.26 -3.84
C ASN E 124 -25.43 0.57 -3.88
N SER E 125 -25.44 -0.74 -3.66
CA SER E 125 -26.66 -1.53 -3.71
C SER E 125 -27.26 -1.79 -2.34
N GLU E 126 -26.52 -1.54 -1.25
CA GLU E 126 -27.04 -1.78 0.09
C GLU E 126 -26.65 -0.68 1.08
N ASP E 127 -26.02 0.39 0.60
CA ASP E 127 -25.62 1.50 1.46
C ASP E 127 -26.34 2.77 1.03
N ALA E 128 -26.45 3.71 1.96
CA ALA E 128 -27.07 5.00 1.68
C ALA E 128 -26.11 5.90 0.91
N LEU E 129 -26.67 6.88 0.20
CA LEU E 129 -25.86 7.80 -0.57
C LEU E 129 -25.03 8.70 0.34
N GLU E 130 -23.78 8.91 -0.04
CA GLU E 130 -22.88 9.83 0.64
C GLU E 130 -22.32 10.82 -0.35
N LEU E 131 -22.27 12.09 0.05
CA LEU E 131 -21.81 13.17 -0.80
C LEU E 131 -20.54 13.77 -0.20
N GLU E 132 -19.50 13.90 -1.04
CA GLU E 132 -18.21 14.43 -0.63
C GLU E 132 -17.93 15.71 -1.41
N ILE E 133 -17.65 16.79 -0.70
CA ILE E 133 -17.40 18.10 -1.30
C ILE E 133 -16.05 18.61 -0.83
N GLU E 134 -15.28 19.16 -1.76
CA GLU E 134 -13.98 19.75 -1.45
C GLU E 134 -13.99 21.21 -1.89
N PHE E 135 -13.47 22.09 -1.04
CA PHE E 135 -13.46 23.52 -1.30
C PHE E 135 -12.04 24.02 -1.57
N ALA E 136 -11.96 25.16 -2.23
CA ALA E 136 -10.72 25.88 -2.46
C ALA E 136 -10.87 27.30 -1.94
N ILE E 137 -10.13 27.63 -0.88
CA ILE E 137 -10.34 28.86 -0.13
C ILE E 137 -9.40 29.94 -0.66
N ASN E 138 -9.91 31.17 -0.74
CA ASN E 138 -9.14 32.26 -1.32
C ASN E 138 -8.08 32.78 -0.36
N GLY E 139 -8.47 33.13 0.87
CA GLY E 139 -7.55 33.76 1.80
C GLY E 139 -7.72 33.24 3.21
N ILE E 140 -6.94 33.84 4.12
CA ILE E 140 -6.94 33.39 5.51
C ILE E 140 -8.31 33.59 6.14
N GLY E 141 -8.78 32.56 6.84
CA GLY E 141 -10.03 32.63 7.56
C GLY E 141 -9.93 33.57 8.76
N GLN E 142 -11.05 34.22 9.07
CA GLN E 142 -11.12 35.19 10.14
C GLN E 142 -11.87 34.61 11.33
N LYS E 143 -11.42 35.00 12.53
CA LYS E 143 -12.00 34.52 13.77
C LYS E 143 -12.97 35.54 14.33
N GLY E 144 -14.15 35.06 14.75
CA GLY E 144 -15.17 35.93 15.30
C GLY E 144 -16.25 35.17 16.04
N TYR E 145 -17.32 35.88 16.43
CA TYR E 145 -18.45 35.28 17.12
C TYR E 145 -19.68 35.34 16.25
N ALA E 146 -20.42 34.23 16.20
CA ALA E 146 -21.59 34.10 15.34
C ALA E 146 -22.79 33.63 16.17
N THR E 147 -23.97 33.89 15.63
CA THR E 147 -25.23 33.54 16.29
C THR E 147 -25.87 32.34 15.60
N LEU E 148 -26.28 31.36 16.40
CA LEU E 148 -26.93 30.15 15.90
C LEU E 148 -28.35 30.10 16.45
N THR E 149 -29.31 29.85 15.55
CA THR E 149 -30.71 29.83 15.93
C THR E 149 -31.03 28.60 16.78
N THR E 150 -32.16 28.66 17.47
CA THR E 150 -32.58 27.57 18.34
C THR E 150 -32.92 26.30 17.57
N ASP E 151 -33.55 26.42 16.40
CA ASP E 151 -33.94 25.26 15.62
C ASP E 151 -32.74 24.51 15.04
N GLN E 152 -31.60 25.17 14.86
CA GLN E 152 -30.42 24.54 14.28
C GLN E 152 -29.50 23.91 15.31
N ALA E 153 -29.80 24.05 16.60
CA ALA E 153 -28.92 23.54 17.64
C ALA E 153 -29.52 22.36 18.41
N GLU E 154 -30.85 22.23 18.45
CA GLU E 154 -31.49 21.19 19.24
C GLU E 154 -31.93 20.03 18.36
N VAL E 155 -32.00 18.84 18.96
CA VAL E 155 -32.45 17.65 18.29
C VAL E 155 -33.92 17.42 18.61
N VAL E 156 -34.57 16.55 17.84
CA VAL E 156 -36.00 16.30 17.96
C VAL E 156 -36.19 14.81 18.26
N SER E 157 -36.98 14.51 19.29
CA SER E 157 -37.30 13.15 19.67
C SER E 157 -38.77 13.07 20.09
N TYR E 158 -39.30 11.86 20.08
CA TYR E 158 -40.71 11.66 20.43
C TYR E 158 -40.94 11.94 21.90
N VAL E 159 -42.21 12.25 22.24
CA VAL E 159 -42.59 12.55 23.61
C VAL E 159 -43.50 11.46 24.13
N PHE E 160 -43.86 11.53 25.41
CA PHE E 160 -44.68 10.51 26.05
C PHE E 160 -46.14 10.63 25.60
N LYS E 161 -46.77 9.49 25.37
CA LYS E 161 -48.16 9.41 24.96
C LYS E 161 -48.88 8.38 25.81
N ASP E 162 -50.16 8.62 26.08
CA ASP E 162 -50.96 7.70 26.89
C ASP E 162 -51.52 6.59 25.99
N THR E 163 -52.29 5.67 26.58
CA THR E 163 -52.89 4.57 25.86
C THR E 163 -54.32 4.86 25.43
N VAL E 164 -54.69 6.14 25.33
CA VAL E 164 -56.02 6.55 24.89
C VAL E 164 -55.98 6.84 23.40
N LYS E 165 -57.16 6.93 22.78
CA LYS E 165 -57.23 7.13 21.34
C LYS E 165 -56.72 8.51 20.95
N VAL E 166 -56.71 8.76 19.64
CA VAL E 166 -56.15 9.98 19.06
C VAL E 166 -57.34 10.74 18.50
N GLU E 167 -58.48 10.66 19.21
CA GLU E 167 -59.80 11.10 18.76
C GLU E 167 -59.78 12.34 17.87
N GLU E 168 -60.44 12.26 16.73
CA GLU E 168 -60.45 13.32 15.73
C GLU E 168 -61.00 14.62 16.29
N GLU F 3 16.22 -1.92 34.67
CA GLU F 3 14.89 -2.05 34.08
C GLU F 3 14.74 -1.15 32.86
N ALA F 4 13.62 -1.30 32.16
CA ALA F 4 13.36 -0.52 30.96
C ALA F 4 12.74 0.83 31.31
N LYS F 5 12.85 1.77 30.37
CA LYS F 5 12.31 3.11 30.54
C LYS F 5 10.98 3.21 29.80
N LYS F 6 9.93 3.61 30.51
CA LYS F 6 8.62 3.76 29.92
C LYS F 6 8.53 5.06 29.12
N GLY F 7 7.53 5.12 28.23
CA GLY F 7 7.32 6.29 27.42
C GLY F 7 6.54 7.41 28.08
N ILE F 8 5.92 7.13 29.23
CA ILE F 8 5.14 8.14 29.93
C ILE F 8 6.01 9.23 30.53
N ASP F 9 7.25 8.92 30.89
CA ASP F 9 8.12 9.84 31.62
C ASP F 9 8.62 11.01 30.78
N VAL F 10 8.34 11.03 29.48
CA VAL F 10 8.81 12.09 28.60
C VAL F 10 7.65 13.01 28.27
N ILE F 11 7.81 14.30 28.56
CA ILE F 11 6.77 15.30 28.32
C ILE F 11 7.37 16.46 27.55
N LEU F 12 6.50 17.38 27.13
CA LEU F 12 6.89 18.54 26.33
C LEU F 12 6.34 19.81 26.95
N LEU F 13 7.02 20.93 26.72
CA LEU F 13 6.57 22.25 27.15
C LEU F 13 6.71 23.24 26.00
N TYR F 14 5.90 24.29 26.05
CA TYR F 14 5.92 25.34 25.02
C TYR F 14 5.82 26.71 25.67
N ARG F 15 6.26 27.72 24.91
CA ARG F 15 6.00 29.13 25.19
C ARG F 15 6.47 29.94 24.00
N VAL F 16 5.87 31.11 23.81
CA VAL F 16 6.20 31.98 22.69
C VAL F 16 7.38 32.86 23.07
N LEU F 17 8.20 33.21 22.06
CA LEU F 17 9.43 33.94 22.32
C LEU F 17 9.17 35.33 22.91
N LYS F 18 8.19 36.06 22.38
CA LYS F 18 7.94 37.42 22.83
C LYS F 18 7.33 37.48 24.23
N ASN F 19 6.88 36.36 24.78
CA ASN F 19 6.34 36.30 26.14
C ASN F 19 7.34 35.75 27.15
N GLU F 20 8.63 35.88 26.89
CA GLU F 20 9.65 35.36 27.79
C GLU F 20 9.71 36.11 29.11
N ALA F 21 9.21 37.34 29.17
CA ALA F 21 9.27 38.13 30.39
C ALA F 21 7.97 38.09 31.19
N LYS F 22 6.83 38.03 30.51
CA LYS F 22 5.54 38.07 31.19
C LYS F 22 5.05 36.69 31.63
N GLU F 23 5.28 35.65 30.83
CA GLU F 23 4.78 34.32 31.11
C GLU F 23 5.92 33.31 31.19
N ALA F 24 5.76 32.36 32.10
CA ALA F 24 6.68 31.25 32.25
C ALA F 24 6.24 30.10 31.33
N ALA F 25 6.92 28.97 31.41
CA ALA F 25 6.59 27.83 30.58
C ALA F 25 5.25 27.23 30.99
N TRP F 26 4.54 26.68 30.00
CA TRP F 26 3.24 26.08 30.23
C TRP F 26 3.20 24.70 29.58
N LYS F 27 2.53 23.76 30.24
CA LYS F 27 2.44 22.38 29.80
C LYS F 27 1.13 22.14 29.07
N MET F 28 1.17 21.33 28.02
CA MET F 28 -0.03 20.94 27.32
C MET F 28 -0.95 20.13 28.23
N ALA F 29 -2.25 20.22 27.96
CA ALA F 29 -3.24 19.59 28.81
C ALA F 29 -3.17 18.07 28.73
N PHE F 30 -3.44 17.51 27.55
CA PHE F 30 -3.44 16.06 27.39
C PHE F 30 -2.40 15.65 26.35
N GLN F 31 -1.44 14.84 26.76
CA GLN F 31 -0.44 14.30 25.86
C GLN F 31 -0.80 12.88 25.43
N THR F 32 -0.52 12.58 24.16
CA THR F 32 -0.72 11.23 23.66
C THR F 32 0.61 10.62 23.22
N GLU F 33 1.33 11.31 22.35
CA GLU F 33 2.62 10.85 21.86
C GLU F 33 3.28 11.98 21.09
N HIS F 34 4.55 11.79 20.74
CA HIS F 34 5.27 12.71 19.89
C HIS F 34 6.44 11.96 19.27
N SER F 35 6.96 12.49 18.17
CA SER F 35 8.04 11.87 17.42
C SER F 35 9.20 12.84 17.30
N ASN F 36 10.36 12.46 17.80
CA ASN F 36 11.58 13.26 17.70
C ASN F 36 12.64 12.43 16.98
N GLY F 37 12.97 12.83 15.76
CA GLY F 37 13.95 12.09 14.98
C GLY F 37 14.82 12.99 14.12
N LYS F 38 16.12 12.80 14.20
CA LYS F 38 17.08 13.57 13.40
C LYS F 38 17.80 12.64 12.44
N SER F 39 18.16 13.19 11.28
CA SER F 39 18.77 12.39 10.24
C SER F 39 19.77 13.24 9.47
N ARG F 40 20.67 12.56 8.77
CA ARG F 40 21.69 13.20 7.94
C ARG F 40 21.73 12.50 6.60
N ASP F 41 22.22 13.21 5.59
CA ASP F 41 22.29 12.70 4.23
C ASP F 41 23.73 12.36 3.88
N ALA F 42 23.94 11.15 3.37
CA ALA F 42 25.27 10.65 3.04
C ALA F 42 25.31 10.28 1.56
N ASP F 43 26.14 10.98 0.80
CA ASP F 43 26.37 10.68 -0.60
C ASP F 43 27.82 10.28 -0.83
N SER F 44 28.07 9.55 -1.92
CA SER F 44 29.40 9.06 -2.24
C SER F 44 29.85 9.59 -3.59
N THR F 45 31.08 10.10 -3.64
CA THR F 45 31.69 10.54 -4.88
C THR F 45 32.83 9.60 -5.25
N ALA F 46 32.82 9.12 -6.48
CA ALA F 46 33.80 8.13 -6.92
C ALA F 46 34.95 8.79 -7.66
N THR F 47 36.18 8.45 -7.25
CA THR F 47 37.38 8.90 -7.93
C THR F 47 38.30 7.71 -8.12
N LYS F 48 39.40 7.94 -8.86
CA LYS F 48 40.30 6.86 -9.23
C LYS F 48 41.10 6.32 -8.06
N ASP F 49 41.08 7.00 -6.91
CA ASP F 49 41.82 6.55 -5.74
C ASP F 49 40.93 5.84 -4.71
N GLY F 50 39.62 5.98 -4.81
CA GLY F 50 38.71 5.31 -3.92
C GLY F 50 37.50 6.16 -3.57
N PRO F 51 36.50 5.56 -2.93
CA PRO F 51 35.30 6.31 -2.57
C PRO F 51 35.54 7.32 -1.46
N ILE F 52 34.91 8.49 -1.61
CA ILE F 52 34.97 9.55 -0.61
C ILE F 52 33.55 9.92 -0.22
N GLN F 53 33.34 10.14 1.07
CA GLN F 53 32.02 10.45 1.61
C GLN F 53 32.00 11.87 2.16
N ASN F 54 31.02 12.65 1.73
CA ASN F 54 30.77 13.99 2.25
C ASN F 54 29.43 14.00 2.94
N MET F 55 29.40 14.44 4.19
CA MET F 55 28.19 14.39 5.01
C MET F 55 27.52 15.76 4.97
N ALA F 56 26.19 15.77 4.94
CA ALA F 56 25.41 16.98 4.75
C ALA F 56 24.94 17.54 6.10
N ALA F 57 24.11 18.58 6.05
CA ALA F 57 23.60 19.21 7.26
C ALA F 57 22.53 18.34 7.91
N ILE F 58 22.24 18.64 9.17
CA ILE F 58 21.27 17.90 9.96
C ILE F 58 19.87 18.35 9.58
N GLU F 59 18.99 17.38 9.34
CA GLU F 59 17.59 17.66 9.05
C GLU F 59 16.72 17.07 10.15
N TYR F 60 15.84 17.88 10.71
CA TYR F 60 15.01 17.50 11.83
C TYR F 60 13.61 17.09 11.36
N ASP F 61 13.01 16.17 12.11
CA ASP F 61 11.64 15.73 11.89
C ASP F 61 10.94 15.72 13.25
N PHE F 62 10.03 16.67 13.46
CA PHE F 62 9.37 16.83 14.74
C PHE F 62 7.86 16.76 14.53
N SER F 63 7.16 16.24 15.54
CA SER F 63 5.72 16.13 15.48
C SER F 63 5.17 16.00 16.90
N ALA F 64 3.90 16.35 17.06
CA ALA F 64 3.23 16.25 18.35
C ALA F 64 1.76 15.90 18.13
N THR F 65 1.19 15.22 19.11
CA THR F 65 -0.23 14.85 19.09
C THR F 65 -0.82 15.05 20.48
N SER F 66 -2.05 15.55 20.53
CA SER F 66 -2.72 15.85 21.78
C SER F 66 -4.22 15.72 21.59
N ILE F 67 -4.95 15.85 22.70
CA ILE F 67 -6.41 15.83 22.70
C ILE F 67 -6.88 17.17 23.22
N VAL F 68 -7.74 17.84 22.45
CA VAL F 68 -8.19 19.19 22.79
C VAL F 68 -9.04 19.14 24.06
N ALA F 69 -8.76 20.05 24.97
CA ALA F 69 -9.51 20.19 26.21
C ALA F 69 -10.50 21.35 26.08
N VAL F 70 -11.55 21.31 26.91
CA VAL F 70 -12.60 22.31 26.87
C VAL F 70 -12.28 23.44 27.84
N GLY F 71 -12.34 24.68 27.34
CA GLY F 71 -12.00 25.83 28.16
C GLY F 71 -10.53 26.18 28.05
N ASP F 72 -9.87 25.69 27.01
CA ASP F 72 -8.43 25.85 26.84
C ASP F 72 -8.17 27.08 25.97
N LYS F 73 -7.28 27.95 26.45
CA LYS F 73 -6.91 29.17 25.73
C LYS F 73 -5.59 29.01 24.99
N HIS F 74 -4.71 28.11 25.44
CA HIS F 74 -3.36 28.01 24.91
C HIS F 74 -3.33 27.68 23.43
N ILE F 75 -4.28 26.87 22.95
CA ILE F 75 -4.29 26.49 21.54
C ILE F 75 -4.48 27.71 20.65
N ASP F 76 -5.28 28.68 21.10
CA ASP F 76 -5.43 29.92 20.35
C ASP F 76 -4.11 30.67 20.24
N GLU F 77 -3.27 30.60 21.28
CA GLU F 77 -1.95 31.23 21.20
C GLU F 77 -1.10 30.59 20.11
N LEU F 78 -1.12 29.26 20.02
CA LEU F 78 -0.38 28.58 18.96
C LEU F 78 -0.93 28.92 17.58
N ASP F 79 -2.25 29.00 17.45
CA ASP F 79 -2.85 29.39 16.18
C ASP F 79 -2.43 30.79 15.76
N ASP F 80 -2.46 31.74 16.70
CA ASP F 80 -2.03 33.10 16.39
C ASP F 80 -0.54 33.16 16.06
N ALA F 81 0.28 32.37 16.75
CA ALA F 81 1.71 32.32 16.43
C ALA F 81 1.96 31.73 15.06
N PHE F 82 1.19 30.73 14.65
CA PHE F 82 1.31 30.19 13.30
C PHE F 82 0.85 31.18 12.23
N ASP F 83 -0.25 31.89 12.48
CA ASP F 83 -0.75 32.85 11.50
C ASP F 83 0.12 34.10 11.39
N ASN F 84 1.07 34.31 12.29
CA ASN F 84 1.92 35.49 12.28
C ASN F 84 3.42 35.18 12.20
N SER F 85 3.81 33.92 12.06
CA SER F 85 5.21 33.52 11.91
C SER F 85 6.05 33.97 13.10
N GLU F 86 5.70 33.49 14.30
CA GLU F 86 6.46 33.79 15.51
C GLU F 86 7.22 32.55 15.97
N LEU F 87 8.35 32.80 16.64
CA LEU F 87 9.20 31.72 17.12
C LEU F 87 8.61 31.08 18.36
N VAL F 88 8.73 29.76 18.45
CA VAL F 88 8.18 28.98 19.55
C VAL F 88 9.31 28.21 20.22
N GLU F 89 9.35 28.25 21.54
CA GLU F 89 10.34 27.51 22.33
C GLU F 89 9.75 26.18 22.75
N ILE F 90 10.54 25.11 22.60
CA ILE F 90 10.10 23.75 22.89
C ILE F 90 11.09 23.13 23.88
N TRP F 91 10.56 22.46 24.89
CA TRP F 91 11.35 21.72 25.86
C TRP F 91 10.93 20.25 25.86
N GLU F 92 11.91 19.36 25.96
CA GLU F 92 11.65 17.93 26.11
C GLU F 92 12.34 17.46 27.39
N ILE F 93 11.54 17.09 28.39
CA ILE F 93 12.04 16.81 29.72
C ILE F 93 11.78 15.35 30.07
N ASP F 94 12.78 14.71 30.67
CA ASP F 94 12.68 13.34 31.17
C ASP F 94 12.40 13.36 32.66
N LYS F 95 11.45 12.55 33.09
CA LYS F 95 11.05 12.48 34.49
C LYS F 95 11.72 11.34 35.25
N ALA F 96 12.62 10.60 34.61
CA ALA F 96 13.30 9.49 35.27
C ALA F 96 14.73 9.81 35.70
N GLU F 97 15.43 10.65 34.95
CA GLU F 97 16.82 10.99 35.25
C GLU F 97 16.84 12.32 36.01
N LYS F 98 17.13 12.27 37.30
CA LYS F 98 17.21 13.45 38.14
C LYS F 98 18.64 13.96 38.21
N GLY F 99 18.79 15.19 38.71
CA GLY F 99 20.08 15.84 38.79
C GLY F 99 20.87 15.45 40.03
N THR F 100 22.19 15.62 39.91
CA THR F 100 23.10 15.31 41.00
C THR F 100 23.46 16.57 41.79
N ASP F 101 24.45 16.44 42.69
CA ASP F 101 25.05 17.49 43.51
C ASP F 101 24.50 18.91 43.31
N LYS F 102 25.18 19.72 42.52
CA LYS F 102 24.86 21.15 42.37
C LYS F 102 23.46 21.38 41.85
N ASP F 103 22.91 20.43 41.09
CA ASP F 103 21.64 20.61 40.40
C ASP F 103 20.66 19.51 40.81
N VAL F 104 20.56 19.28 42.11
CA VAL F 104 19.60 18.34 42.66
C VAL F 104 18.19 18.86 42.38
N ASP F 105 17.25 17.95 42.12
CA ASP F 105 15.85 18.24 41.87
C ASP F 105 15.68 18.93 40.52
N LYS F 106 16.62 18.72 39.62
CA LYS F 106 16.50 19.14 38.23
C LYS F 106 16.52 17.91 37.32
N TYR F 107 15.87 18.05 36.16
CA TYR F 107 15.70 16.95 35.23
C TYR F 107 16.51 17.20 33.96
N LYS F 108 16.81 16.12 33.25
CA LYS F 108 17.54 16.18 32.00
C LYS F 108 16.60 16.62 30.88
N ALA F 109 17.02 17.63 30.12
CA ALA F 109 16.14 18.24 29.12
C ALA F 109 16.96 18.70 27.93
N THR F 110 16.27 18.94 26.82
CA THR F 110 16.85 19.51 25.61
C THR F 110 16.01 20.71 25.19
N TYR F 111 16.66 21.69 24.57
CA TYR F 111 16.04 22.98 24.28
C TYR F 111 16.07 23.23 22.78
N PHE F 112 14.92 23.58 22.20
CA PHE F 112 14.81 23.87 20.79
C PHE F 112 14.05 25.18 20.58
N GLN F 113 14.31 25.82 19.44
CA GLN F 113 13.54 26.94 18.96
C GLN F 113 13.23 26.72 17.48
N GLY F 114 11.96 26.92 17.11
CA GLY F 114 11.53 26.68 15.75
C GLY F 114 10.23 27.37 15.43
N TYR F 115 9.77 27.17 14.19
CA TYR F 115 8.52 27.72 13.69
C TYR F 115 7.45 26.64 13.66
N VAL F 116 6.20 27.07 13.56
CA VAL F 116 5.08 26.16 13.35
C VAL F 116 4.79 26.08 11.86
N SER F 117 4.64 24.87 11.34
CA SER F 117 4.48 24.69 9.90
C SER F 117 3.17 23.99 9.55
N SER F 118 2.60 23.24 10.48
CA SER F 118 1.34 22.54 10.23
C SER F 118 0.43 22.65 11.44
N PHE F 119 -0.87 22.69 11.19
CA PHE F 119 -1.88 22.78 12.25
C PHE F 119 -3.18 22.20 11.71
N SER F 120 -3.48 20.96 12.08
CA SER F 120 -4.63 20.26 11.53
C SER F 120 -5.40 19.55 12.63
N LYS F 121 -6.69 19.36 12.39
CA LYS F 121 -7.55 18.61 13.28
C LYS F 121 -8.78 18.15 12.51
N THR F 122 -9.23 16.93 12.82
CA THR F 122 -10.35 16.30 12.11
C THR F 122 -11.40 15.83 13.11
N PRO F 123 -12.54 16.51 13.21
CA PRO F 123 -13.58 16.04 14.14
C PRO F 123 -14.47 14.97 13.52
N ASN F 124 -14.66 13.86 14.24
CA ASN F 124 -15.55 12.79 13.84
C ASN F 124 -16.87 12.90 14.59
N SER F 125 -17.73 11.91 14.42
CA SER F 125 -19.04 11.91 15.06
C SER F 125 -19.10 11.09 16.34
N GLU F 126 -18.04 10.32 16.65
CA GLU F 126 -18.04 9.49 17.85
C GLU F 126 -16.68 9.48 18.56
N ASP F 127 -15.71 10.26 18.08
CA ASP F 127 -14.40 10.32 18.68
C ASP F 127 -14.11 11.74 19.15
N ALA F 128 -13.19 11.84 20.11
CA ALA F 128 -12.77 13.14 20.62
C ALA F 128 -11.82 13.82 19.65
N LEU F 129 -11.73 15.14 19.77
CA LEU F 129 -10.85 15.91 18.89
C LEU F 129 -9.39 15.58 19.15
N GLU F 130 -8.62 15.47 18.09
CA GLU F 130 -7.18 15.27 18.15
C GLU F 130 -6.49 16.34 17.32
N LEU F 131 -5.40 16.90 17.85
CA LEU F 131 -4.68 17.99 17.21
C LEU F 131 -3.27 17.54 16.87
N GLU F 132 -2.87 17.74 15.63
CA GLU F 132 -1.53 17.39 15.15
C GLU F 132 -0.78 18.66 14.81
N ILE F 133 0.41 18.82 15.39
CA ILE F 133 1.25 19.99 15.15
C ILE F 133 2.63 19.50 14.70
N GLU F 134 3.17 20.13 13.66
CA GLU F 134 4.49 19.81 13.13
C GLU F 134 5.34 21.07 13.14
N PHE F 135 6.55 20.97 13.66
CA PHE F 135 7.45 22.11 13.80
C PHE F 135 8.59 22.04 12.79
N ALA F 136 9.24 23.18 12.59
CA ALA F 136 10.45 23.29 11.78
C ALA F 136 11.50 24.01 12.61
N ILE F 137 12.57 23.29 12.95
CA ILE F 137 13.57 23.76 13.92
C ILE F 137 14.71 24.44 13.20
N ASN F 138 15.16 25.57 13.73
CA ASN F 138 16.19 26.37 13.08
C ASN F 138 17.56 25.69 13.13
N GLY F 139 17.97 25.21 14.31
CA GLY F 139 19.32 24.70 14.47
C GLY F 139 19.38 23.57 15.46
N ILE F 140 20.62 23.12 15.74
CA ILE F 140 20.84 21.98 16.61
C ILE F 140 20.35 22.29 18.03
N GLY F 141 19.64 21.33 18.60
CA GLY F 141 19.19 21.45 19.98
C GLY F 141 20.33 21.29 20.96
N GLN F 142 20.19 21.94 22.10
CA GLN F 142 21.22 21.96 23.14
C GLN F 142 20.77 21.18 24.36
N LYS F 143 21.72 20.52 25.01
CA LYS F 143 21.45 19.71 26.19
C LYS F 143 21.71 20.50 27.45
N GLY F 144 20.84 20.33 28.44
CA GLY F 144 21.00 20.99 29.73
C GLY F 144 20.06 20.42 30.78
N TYR F 145 19.97 21.09 31.92
CA TYR F 145 19.06 20.70 33.00
C TYR F 145 18.03 21.80 33.20
N ALA F 146 16.78 21.37 33.39
CA ALA F 146 15.64 22.29 33.52
C ALA F 146 14.88 21.97 34.79
N THR F 147 14.12 22.95 35.26
CA THR F 147 13.35 22.85 36.49
C THR F 147 11.87 22.66 36.14
N LEU F 148 11.25 21.65 36.74
CA LEU F 148 9.83 21.36 36.55
C LEU F 148 9.12 21.52 37.87
N THR F 149 8.02 22.30 37.85
CA THR F 149 7.28 22.59 39.07
C THR F 149 6.52 21.35 39.55
N THR F 150 6.12 21.40 40.83
CA THR F 150 5.41 20.28 41.44
C THR F 150 4.04 20.06 40.82
N ASP F 151 3.32 21.12 40.47
CA ASP F 151 1.99 20.98 39.89
C ASP F 151 2.02 20.39 38.49
N GLN F 152 3.13 20.50 37.77
CA GLN F 152 3.21 19.99 36.41
C GLN F 152 3.73 18.55 36.34
N ALA F 153 4.10 17.95 37.48
CA ALA F 153 4.66 16.61 37.48
C ALA F 153 3.76 15.56 38.12
N GLU F 154 2.86 15.96 39.01
CA GLU F 154 2.02 15.02 39.75
C GLU F 154 0.62 14.95 39.15
N VAL F 155 -0.03 13.81 39.33
CA VAL F 155 -1.38 13.60 38.87
C VAL F 155 -2.35 13.83 40.03
N VAL F 156 -3.63 13.97 39.71
CA VAL F 156 -4.66 14.29 40.70
C VAL F 156 -5.69 13.17 40.69
N SER F 157 -5.99 12.64 41.87
CA SER F 157 -7.00 11.61 42.04
C SER F 157 -7.80 11.87 43.32
N TYR F 158 -8.98 11.28 43.39
CA TYR F 158 -9.85 11.49 44.54
C TYR F 158 -9.25 10.86 45.79
N VAL F 159 -9.60 11.43 46.94
CA VAL F 159 -9.13 10.93 48.24
C VAL F 159 -10.29 10.25 48.95
N PHE F 160 -9.99 9.56 50.06
CA PHE F 160 -11.00 8.83 50.81
C PHE F 160 -11.92 9.80 51.53
N LYS F 161 -13.21 9.46 51.54
CA LYS F 161 -14.25 10.27 52.16
C LYS F 161 -15.17 9.36 52.98
N ASP F 162 -15.67 9.87 54.09
CA ASP F 162 -16.54 9.10 54.96
C ASP F 162 -17.97 9.12 54.42
N THR F 163 -18.86 8.38 55.09
CA THR F 163 -20.27 8.31 54.71
C THR F 163 -21.13 9.28 55.50
N VAL F 164 -20.54 10.36 56.02
CA VAL F 164 -21.27 11.34 56.80
C VAL F 164 -21.64 12.50 55.87
N LYS F 165 -22.55 13.36 56.33
CA LYS F 165 -23.04 14.45 55.49
C LYS F 165 -21.92 15.42 55.14
N VAL F 166 -22.19 16.29 54.18
CA VAL F 166 -21.22 17.21 53.61
C VAL F 166 -21.66 18.61 54.05
N GLU F 167 -22.19 18.68 55.28
CA GLU F 167 -22.84 19.86 55.85
C GLU F 167 -22.24 21.19 55.41
N GLU F 168 -23.09 22.10 54.95
CA GLU F 168 -22.67 23.40 54.44
C GLU F 168 -21.85 24.18 55.46
#